data_4HEV
#
_entry.id   4HEV
#
_cell.length_a   73.601
_cell.length_b   67.632
_cell.length_c   99.408
_cell.angle_alpha   90.00
_cell.angle_beta   106.13
_cell.angle_gamma   90.00
#
_symmetry.space_group_name_H-M   'P 1 21 1'
#
loop_
_entity.id
_entity.type
_entity.pdbx_description
1 polymer 'Botulinum neurotoxin type A light chain'
2 non-polymer 'ZINC ION'
3 non-polymer N-hydroxy-2-[(3S,5S,7S)-tricyclo[3.3.1.1~3,7~]dec-1-yl]acetamide
4 water water
#
_entity_poly.entity_id   1
_entity_poly.type   'polypeptide(L)'
_entity_poly.pdbx_seq_one_letter_code
;HHHHHHSSGLVPRGSHMQFVNKQFNYKDPVNGVDIAYIKIPNVGQMQPVKAFKIHNKIWVIPERDTFTNPEEGDLNPPPE
AKQVPVSYYDSTYLSTDNEKDNYLKGVTKLFERIYSTDLGRMLLTSIVRGIPFWGGSTIDTELKVIDTNCINVIQPDGSY
RSEELNLVIIGPSADIIQFECKSFGHEVLNLTRNGYGSTQYIRFSPDFTFGFEESLEVDTNPLLGAGKFATDPAVTLAHE
LIHAGHRLYGIAINPNRVFKVNTNAYYEMSGLEVSFEELRTFGGHDAKFIDSLQENEFRLYYYNKFKDIASTLNKAKSIV
GTTASLQYMKNVFKEKYLLSEDTSGKFSVDKLKFDKLYKMLTEIYTEDNFVKFFKVLNRKTYLNFDKAVFKINIVPKVNY
TIYDGFNLRNTNLAANFNGQNTEINNMNFTKLKNFTGLFEF
;
_entity_poly.pdbx_strand_id   A,B
#
loop_
_chem_comp.id
_chem_comp.type
_chem_comp.name
_chem_comp.formula
AXM non-polymer N-hydroxy-2-[(3S,5S,7S)-tricyclo[3.3.1.1~3,7~]dec-1-yl]acetamide 'C12 H19 N O2'
ZN non-polymer 'ZINC ION' 'Zn 2'
#
# COMPACT_ATOMS: atom_id res chain seq x y z
N SER A 7 23.11 -7.13 8.38
CA SER A 7 21.99 -6.90 7.49
C SER A 7 20.66 -7.12 8.21
N SER A 8 19.61 -6.45 7.73
CA SER A 8 18.29 -6.53 8.36
C SER A 8 17.35 -7.46 7.60
N GLY A 9 17.50 -7.50 6.28
CA GLY A 9 16.64 -8.30 5.44
C GLY A 9 15.22 -7.75 5.40
N LEU A 10 15.12 -6.42 5.30
CA LEU A 10 13.82 -5.75 5.28
C LEU A 10 13.13 -5.91 3.92
N VAL A 11 13.90 -6.22 2.89
CA VAL A 11 13.34 -6.44 1.57
C VAL A 11 13.81 -7.78 1.00
N PRO A 12 13.14 -8.87 1.42
CA PRO A 12 13.50 -10.23 0.99
C PRO A 12 13.30 -10.41 -0.52
N ARG A 13 12.27 -9.79 -1.06
CA ARG A 13 12.05 -9.79 -2.51
C ARG A 13 11.44 -8.48 -2.98
N GLY A 14 11.87 -8.04 -4.17
CA GLY A 14 11.45 -6.76 -4.70
C GLY A 14 12.57 -5.74 -4.54
N SER A 15 12.24 -4.46 -4.72
CA SER A 15 13.22 -3.40 -4.61
C SER A 15 13.01 -2.60 -3.33
N HIS A 16 11.76 -2.46 -2.92
CA HIS A 16 11.42 -1.66 -1.74
C HIS A 16 10.40 -2.38 -0.86
N MET A 17 10.29 -1.92 0.38
CA MET A 17 9.29 -2.46 1.31
C MET A 17 7.89 -2.16 0.80
N GLN A 18 6.98 -3.10 1.01
CA GLN A 18 5.65 -3.01 0.39
C GLN A 18 4.61 -2.23 1.21
N PHE A 19 4.87 -2.04 2.50
CA PHE A 19 3.94 -1.30 3.35
C PHE A 19 4.58 -0.06 3.98
N VAL A 20 5.72 -0.24 4.64
CA VAL A 20 6.45 0.89 5.21
C VAL A 20 7.10 1.71 4.10
N ASN A 21 6.90 3.02 4.14
CA ASN A 21 7.28 3.88 3.03
C ASN A 21 8.76 4.24 2.96
N LYS A 22 9.45 4.19 4.10
CA LYS A 22 10.86 4.55 4.14
C LYS A 22 11.66 3.63 5.05
N GLN A 23 12.91 3.37 4.68
CA GLN A 23 13.84 2.70 5.58
C GLN A 23 14.41 3.75 6.52
N PHE A 24 13.67 4.03 7.60
CA PHE A 24 14.04 5.10 8.52
C PHE A 24 15.25 4.75 9.40
N ASN A 25 16.12 5.74 9.57
CA ASN A 25 17.10 5.71 10.64
C ASN A 25 16.65 6.72 11.68
N TYR A 26 16.90 6.45 12.95
CA TYR A 26 16.57 7.42 13.99
C TYR A 26 17.48 8.63 13.84
N LYS A 27 18.64 8.43 13.24
CA LYS A 27 19.63 9.48 13.03
C LYS A 27 19.18 10.45 11.94
N ASP A 28 18.25 10.00 11.09
CA ASP A 28 17.76 10.82 9.99
C ASP A 28 17.17 12.15 10.46
N PRO A 29 17.44 13.23 9.73
CA PRO A 29 16.98 14.58 10.10
C PRO A 29 15.48 14.75 9.90
N VAL A 30 14.88 15.61 10.72
CA VAL A 30 13.44 15.88 10.59
C VAL A 30 13.14 16.65 9.32
N ASN A 31 11.94 16.47 8.79
CA ASN A 31 11.54 17.13 7.55
C ASN A 31 10.11 17.65 7.60
N GLY A 32 9.38 17.27 8.64
CA GLY A 32 8.01 17.74 8.84
C GLY A 32 6.98 16.97 8.04
N VAL A 33 7.42 15.98 7.28
CA VAL A 33 6.52 15.17 6.46
C VAL A 33 6.34 13.76 7.04
N ASP A 34 7.41 12.99 7.06
CA ASP A 34 7.37 11.65 7.63
C ASP A 34 8.38 11.45 8.75
N ILE A 35 9.21 12.46 8.98
CA ILE A 35 10.10 12.50 10.13
C ILE A 35 9.96 13.87 10.79
N ALA A 36 9.42 13.90 12.01
CA ALA A 36 9.14 15.17 12.67
C ALA A 36 8.99 15.07 14.17
N TYR A 37 9.13 16.20 14.85
CA TYR A 37 8.80 16.32 16.26
C TYR A 37 7.30 16.56 16.38
N ILE A 38 6.63 15.78 17.22
CA ILE A 38 5.19 15.92 17.36
C ILE A 38 4.76 16.10 18.82
N LYS A 39 3.49 16.45 19.01
CA LYS A 39 2.92 16.61 20.34
C LYS A 39 1.56 15.93 20.43
N ILE A 40 1.33 15.23 21.53
CA ILE A 40 0.05 14.57 21.77
C ILE A 40 -0.87 15.45 22.60
N PRO A 41 -2.02 15.85 22.03
CA PRO A 41 -2.99 16.72 22.71
C PRO A 41 -3.52 16.10 24.00
N GLN A 45 0.22 19.00 28.29
CA GLN A 45 1.56 19.56 28.41
C GLN A 45 2.63 18.48 28.28
N MET A 46 3.53 18.66 27.32
CA MET A 46 4.58 17.68 27.07
C MET A 46 5.72 18.26 26.23
N GLN A 47 6.87 17.60 26.27
CA GLN A 47 8.01 17.95 25.44
C GLN A 47 7.87 17.24 24.09
N PRO A 48 8.05 17.97 22.99
CA PRO A 48 7.95 17.42 21.64
C PRO A 48 8.86 16.21 21.45
N VAL A 49 8.33 15.15 20.83
CA VAL A 49 9.10 13.93 20.60
C VAL A 49 9.26 13.63 19.11
N LYS A 50 10.42 13.12 18.74
CA LYS A 50 10.70 12.79 17.35
C LYS A 50 9.98 11.50 16.95
N ALA A 51 9.10 11.60 15.96
CA ALA A 51 8.32 10.44 15.52
C ALA A 51 8.54 10.16 14.03
N PHE A 52 8.09 8.99 13.59
CA PHE A 52 8.27 8.57 12.21
C PHE A 52 6.95 8.09 11.61
N LYS A 53 6.63 8.56 10.42
CA LYS A 53 5.41 8.16 9.72
C LYS A 53 5.72 7.03 8.75
N ILE A 54 5.44 5.80 9.18
CA ILE A 54 5.79 4.61 8.39
C ILE A 54 4.81 4.35 7.26
N HIS A 55 3.61 4.88 7.39
CA HIS A 55 2.56 4.69 6.39
C HIS A 55 1.50 5.78 6.59
N ASN A 56 0.64 5.94 5.60
CA ASN A 56 -0.48 6.88 5.73
C ASN A 56 -1.32 6.57 6.97
N LYS A 57 -1.57 7.62 7.76
CA LYS A 57 -2.38 7.53 8.98
C LYS A 57 -1.72 6.73 10.13
N ILE A 58 -0.46 6.35 9.95
CA ILE A 58 0.22 5.54 10.97
C ILE A 58 1.58 6.12 11.36
N TRP A 59 1.75 6.42 12.64
CA TRP A 59 3.00 6.97 13.16
C TRP A 59 3.65 6.06 14.19
N VAL A 60 4.98 6.16 14.31
CA VAL A 60 5.73 5.38 15.28
C VAL A 60 6.56 6.29 16.19
N ILE A 61 6.37 6.16 17.50
CA ILE A 61 7.11 6.95 18.46
C ILE A 61 8.02 6.06 19.30
N PRO A 62 9.33 6.04 18.98
CA PRO A 62 10.33 5.21 19.65
C PRO A 62 10.68 5.69 21.05
N GLU A 63 9.66 5.92 21.89
CA GLU A 63 9.88 6.38 23.25
C GLU A 63 9.00 5.61 24.23
N ARG A 64 9.44 5.53 25.48
CA ARG A 64 8.62 4.94 26.53
C ARG A 64 7.36 5.78 26.71
N ASP A 65 6.23 5.13 26.92
CA ASP A 65 4.95 5.84 27.01
C ASP A 65 4.76 6.51 28.37
N THR A 66 5.05 7.81 28.41
CA THR A 66 4.83 8.61 29.60
C THR A 66 4.04 9.87 29.22
N PHE A 67 3.23 9.75 28.18
CA PHE A 67 2.51 10.90 27.64
C PHE A 67 1.00 10.70 27.69
N THR A 68 0.55 9.52 27.28
CA THR A 68 -0.88 9.23 27.15
C THR A 68 -1.62 9.23 28.49
N ASN A 69 -0.92 8.83 29.55
CA ASN A 69 -1.54 8.74 30.87
C ASN A 69 -0.81 9.58 31.91
N PRO A 70 -1.50 10.55 32.51
CA PRO A 70 -0.93 11.41 33.56
C PRO A 70 -0.67 10.66 34.86
N GLU A 71 -1.07 9.40 34.91
CA GLU A 71 -0.84 8.56 36.09
C GLU A 71 0.29 7.57 35.84
N GLU A 72 0.78 7.54 34.61
CA GLU A 72 1.89 6.67 34.24
C GLU A 72 3.01 7.46 33.57
N GLY A 73 3.18 8.70 33.98
CA GLY A 73 4.23 9.55 33.43
C GLY A 73 5.58 9.28 34.07
N ASP A 74 5.63 8.25 34.91
CA ASP A 74 6.87 7.87 35.59
C ASP A 74 7.15 6.40 35.38
N LEU A 75 8.40 6.07 35.08
CA LEU A 75 8.80 4.68 34.87
C LEU A 75 9.17 4.02 36.19
N ASN A 76 8.28 4.13 37.17
CA ASN A 76 8.52 3.58 38.50
C ASN A 76 7.82 2.26 38.75
N PRO A 77 8.59 1.23 39.13
CA PRO A 77 8.02 -0.06 39.56
C PRO A 77 7.44 0.05 40.97
N PRO A 78 6.12 -0.10 41.10
CA PRO A 78 5.44 0.04 42.39
C PRO A 78 5.74 -1.13 43.34
N VAL A 86 2.22 -11.57 35.72
CA VAL A 86 3.06 -11.48 34.53
C VAL A 86 3.46 -10.04 34.23
N SER A 87 4.73 -9.72 34.52
CA SER A 87 5.24 -8.38 34.31
C SER A 87 6.76 -8.36 34.27
N TYR A 88 7.33 -7.24 33.84
CA TYR A 88 8.78 -7.06 33.80
C TYR A 88 9.14 -5.58 33.75
N TYR A 89 10.20 -5.20 34.46
CA TYR A 89 10.58 -3.80 34.58
C TYR A 89 12.04 -3.54 34.21
N ASP A 90 12.29 -2.39 33.60
CA ASP A 90 13.63 -1.95 33.23
C ASP A 90 13.53 -0.50 32.75
N SER A 91 13.83 0.44 33.63
CA SER A 91 13.68 1.86 33.31
C SER A 91 14.79 2.37 32.38
N THR A 92 15.79 1.52 32.14
CA THR A 92 16.91 1.90 31.28
C THR A 92 16.62 1.54 29.83
N TYR A 93 15.59 0.72 29.62
CA TYR A 93 15.22 0.28 28.28
C TYR A 93 14.71 1.44 27.43
N LEU A 94 15.13 1.46 26.17
CA LEU A 94 14.71 2.49 25.21
C LEU A 94 15.10 3.89 25.68
N SER A 95 16.32 4.02 26.18
CA SER A 95 16.79 5.32 26.68
C SER A 95 17.88 5.89 25.76
N THR A 96 18.65 5.02 25.14
CA THR A 96 19.70 5.46 24.22
C THR A 96 19.18 5.47 22.78
N ASP A 97 19.84 6.25 21.93
CA ASP A 97 19.41 6.41 20.54
C ASP A 97 19.60 5.14 19.72
N ASN A 98 20.59 4.34 20.08
CA ASN A 98 20.82 3.06 19.42
C ASN A 98 19.63 2.12 19.61
N GLU A 99 19.05 2.14 20.82
CA GLU A 99 17.88 1.34 21.13
C GLU A 99 16.65 1.83 20.37
N LYS A 100 16.51 3.15 20.29
CA LYS A 100 15.39 3.76 19.59
C LYS A 100 15.45 3.47 18.10
N ASP A 101 16.67 3.40 17.58
CA ASP A 101 16.88 3.06 16.18
C ASP A 101 16.60 1.58 15.93
N ASN A 102 16.90 0.76 16.92
CA ASN A 102 16.64 -0.68 16.83
C ASN A 102 15.16 -0.99 17.02
N TYR A 103 14.50 -0.24 17.90
CA TYR A 103 13.07 -0.33 18.10
C TYR A 103 12.35 0.00 16.80
N LEU A 104 12.76 1.11 16.18
CA LEU A 104 12.14 1.59 14.96
C LEU A 104 12.27 0.59 13.82
N LYS A 105 13.46 0.04 13.65
CA LYS A 105 13.71 -0.93 12.59
C LYS A 105 13.02 -2.26 12.87
N GLY A 106 12.84 -2.58 14.15
CA GLY A 106 12.18 -3.80 14.55
C GLY A 106 10.69 -3.76 14.25
N VAL A 107 10.06 -2.62 14.51
CA VAL A 107 8.63 -2.46 14.28
C VAL A 107 8.30 -2.48 12.79
N THR A 108 9.10 -1.78 11.99
CA THR A 108 8.91 -1.75 10.54
C THR A 108 9.08 -3.16 9.95
N LYS A 109 9.98 -3.93 10.54
CA LYS A 109 10.23 -5.29 10.09
C LYS A 109 9.03 -6.20 10.35
N LEU A 110 8.35 -5.95 11.47
CA LEU A 110 7.18 -6.74 11.84
C LEU A 110 5.98 -6.42 10.96
N PHE A 111 5.86 -5.16 10.57
CA PHE A 111 4.80 -4.73 9.64
C PHE A 111 4.95 -5.40 8.29
N GLU A 112 6.18 -5.48 7.80
CA GLU A 112 6.45 -6.11 6.51
C GLU A 112 6.20 -7.60 6.57
N ARG A 113 6.49 -8.20 7.73
CA ARG A 113 6.23 -9.62 7.96
C ARG A 113 4.73 -9.87 7.99
N ILE A 114 4.00 -8.97 8.64
CA ILE A 114 2.55 -9.07 8.69
C ILE A 114 1.96 -8.83 7.31
N TYR A 115 2.48 -7.83 6.61
CA TYR A 115 2.00 -7.48 5.27
C TYR A 115 2.41 -8.52 4.22
N SER A 116 3.29 -9.45 4.60
CA SER A 116 3.73 -10.49 3.68
C SER A 116 2.70 -11.61 3.56
N THR A 117 1.67 -11.56 4.41
CA THR A 117 0.60 -12.54 4.37
C THR A 117 -0.67 -11.90 3.82
N ASP A 118 -1.52 -12.71 3.20
CA ASP A 118 -2.80 -12.23 2.67
C ASP A 118 -3.67 -11.62 3.77
N LEU A 119 -3.72 -12.30 4.91
CA LEU A 119 -4.53 -11.84 6.03
C LEU A 119 -4.02 -10.50 6.57
N GLY A 120 -2.70 -10.37 6.63
CA GLY A 120 -2.08 -9.15 7.13
C GLY A 120 -2.32 -7.97 6.23
N ARG A 121 -2.34 -8.22 4.92
CA ARG A 121 -2.60 -7.16 3.94
C ARG A 121 -4.02 -6.62 4.10
N MET A 122 -4.98 -7.52 4.27
CA MET A 122 -6.37 -7.14 4.47
C MET A 122 -6.55 -6.36 5.78
N LEU A 123 -5.93 -6.85 6.85
CA LEU A 123 -6.03 -6.19 8.15
C LEU A 123 -5.47 -4.77 8.13
N LEU A 124 -4.25 -4.61 7.62
CA LEU A 124 -3.62 -3.31 7.54
C LEU A 124 -4.38 -2.36 6.63
N THR A 125 -4.95 -2.88 5.54
CA THR A 125 -5.75 -2.09 4.64
C THR A 125 -7.00 -1.56 5.34
N SER A 126 -7.68 -2.45 6.06
CA SER A 126 -8.88 -2.09 6.81
C SER A 126 -8.58 -1.00 7.83
N ILE A 127 -7.41 -1.10 8.46
CA ILE A 127 -6.97 -0.14 9.47
C ILE A 127 -6.77 1.26 8.89
N VAL A 128 -6.08 1.33 7.75
CA VAL A 128 -5.80 2.62 7.10
C VAL A 128 -7.09 3.33 6.67
N ARG A 129 -8.03 2.56 6.13
CA ARG A 129 -9.31 3.10 5.69
C ARG A 129 -10.22 3.48 6.85
N GLY A 130 -9.89 3.00 8.05
CA GLY A 130 -10.72 3.22 9.22
C GLY A 130 -10.52 4.56 9.90
N ILE A 131 -10.70 5.64 9.14
CA ILE A 131 -10.54 6.99 9.66
C ILE A 131 -11.61 7.32 10.70
N PRO A 132 -11.18 7.76 11.89
CA PRO A 132 -12.09 8.16 12.98
C PRO A 132 -13.13 9.16 12.50
N PHE A 133 -14.39 8.91 12.84
CA PHE A 133 -15.51 9.70 12.35
C PHE A 133 -15.46 11.15 12.84
N TRP A 134 -15.92 12.07 11.98
CA TRP A 134 -16.02 13.47 12.35
C TRP A 134 -17.35 13.73 13.07
N GLY A 135 -17.33 13.59 14.40
CA GLY A 135 -18.53 13.81 15.19
C GLY A 135 -18.25 14.62 16.44
N GLY A 136 -17.54 15.73 16.27
CA GLY A 136 -17.17 16.58 17.40
C GLY A 136 -17.97 17.87 17.45
N SER A 137 -19.02 17.96 16.65
CA SER A 137 -19.86 19.15 16.63
C SER A 137 -21.12 18.96 17.46
N THR A 138 -21.63 20.07 17.99
CA THR A 138 -22.88 20.03 18.77
C THR A 138 -24.07 20.38 17.88
N ILE A 139 -23.79 20.77 16.65
CA ILE A 139 -24.84 21.03 15.67
C ILE A 139 -25.00 19.79 14.79
N ASP A 140 -26.19 19.19 14.83
CA ASP A 140 -26.45 17.93 14.15
C ASP A 140 -26.48 18.05 12.62
N THR A 141 -26.23 19.25 12.12
CA THR A 141 -26.15 19.48 10.69
C THR A 141 -24.77 20.03 10.34
N GLU A 142 -23.77 19.62 11.10
CA GLU A 142 -22.42 20.14 10.93
C GLU A 142 -21.37 19.07 11.24
N LEU A 143 -20.49 18.81 10.29
CA LEU A 143 -19.41 17.84 10.49
C LEU A 143 -18.17 18.51 11.07
N LYS A 144 -17.60 17.91 12.11
CA LYS A 144 -16.44 18.47 12.78
C LYS A 144 -15.50 17.39 13.30
N VAL A 145 -14.20 17.58 13.07
CA VAL A 145 -13.19 16.63 13.53
C VAL A 145 -13.06 16.70 15.06
N ILE A 146 -12.55 15.63 15.64
CA ILE A 146 -12.29 15.59 17.08
C ILE A 146 -10.80 15.77 17.36
N ASP A 147 -10.48 16.72 18.23
CA ASP A 147 -9.09 17.11 18.49
C ASP A 147 -8.19 15.97 18.97
N THR A 148 -8.76 15.05 19.74
CA THR A 148 -7.99 13.93 20.29
C THR A 148 -7.62 12.91 19.21
N ASN A 149 -8.24 13.02 18.04
CA ASN A 149 -7.92 12.15 16.92
C ASN A 149 -6.85 12.75 16.01
N CYS A 150 -6.04 13.64 16.57
CA CYS A 150 -5.01 14.32 15.81
C CYS A 150 -3.73 14.48 16.62
N ILE A 151 -2.65 14.85 15.95
CA ILE A 151 -1.41 15.23 16.60
C ILE A 151 -0.88 16.51 15.97
N ASN A 152 -0.15 17.30 16.75
CA ASN A 152 0.48 18.50 16.22
C ASN A 152 1.85 18.18 15.64
N VAL A 153 2.04 18.49 14.36
CA VAL A 153 3.29 18.17 13.69
C VAL A 153 4.16 19.42 13.50
N ILE A 154 5.26 19.48 14.23
CA ILE A 154 6.16 20.63 14.16
C ILE A 154 6.93 20.65 12.84
N GLN A 155 6.96 21.82 12.21
CA GLN A 155 7.67 22.00 10.94
C GLN A 155 9.10 22.48 11.19
N PRO A 156 9.96 22.38 10.16
CA PRO A 156 11.34 22.90 10.25
C PRO A 156 11.40 24.37 10.64
N ASP A 157 10.38 25.16 10.27
CA ASP A 157 10.35 26.57 10.65
C ASP A 157 9.92 26.75 12.11
N GLY A 158 9.29 25.71 12.67
CA GLY A 158 8.89 25.71 14.06
C GLY A 158 7.41 25.90 14.29
N SER A 159 6.62 25.78 13.21
CA SER A 159 5.18 25.96 13.31
C SER A 159 4.43 24.64 13.44
N TYR A 160 3.31 24.67 14.17
CA TYR A 160 2.47 23.49 14.32
C TYR A 160 1.61 23.28 13.08
N ARG A 161 1.08 22.07 12.94
CA ARG A 161 -0.03 21.81 12.03
C ARG A 161 -0.78 20.54 12.43
N SER A 162 -2.10 20.65 12.53
CA SER A 162 -2.93 19.53 12.98
C SER A 162 -3.04 18.48 11.88
N GLU A 163 -2.66 17.24 12.22
CA GLU A 163 -2.74 16.14 11.29
C GLU A 163 -3.53 14.96 11.86
N GLU A 164 -4.56 14.55 11.15
CA GLU A 164 -5.35 13.41 11.56
C GLU A 164 -4.56 12.12 11.40
N LEU A 165 -4.87 11.13 12.22
CA LEU A 165 -4.20 9.84 12.14
C LEU A 165 -5.03 8.74 12.80
N ASN A 166 -4.79 7.50 12.38
CA ASN A 166 -5.58 6.36 12.87
C ASN A 166 -4.84 5.53 13.91
N LEU A 167 -3.52 5.43 13.76
CA LEU A 167 -2.75 4.49 14.57
C LEU A 167 -1.39 5.05 15.00
N VAL A 168 -1.03 4.78 16.25
CA VAL A 168 0.27 5.17 16.78
C VAL A 168 0.91 3.99 17.50
N ILE A 169 2.10 3.59 17.06
CA ILE A 169 2.86 2.57 17.76
C ILE A 169 3.89 3.24 18.67
N ILE A 170 3.75 3.02 19.97
CA ILE A 170 4.63 3.66 20.96
C ILE A 170 5.20 2.62 21.92
N GLY A 171 6.32 2.94 22.55
CA GLY A 171 6.96 2.05 23.51
C GLY A 171 6.12 1.84 24.75
N PRO A 172 6.43 0.78 25.51
CA PRO A 172 5.67 0.44 26.72
C PRO A 172 5.94 1.41 27.87
N SER A 173 5.04 1.43 28.83
CA SER A 173 5.18 2.29 30.00
C SER A 173 6.10 1.66 31.04
N ALA A 174 5.68 1.69 32.30
CA ALA A 174 6.45 1.11 33.39
C ALA A 174 6.59 -0.39 33.21
N ASP A 175 5.46 -1.08 33.08
CA ASP A 175 5.47 -2.52 32.83
C ASP A 175 5.70 -2.78 31.35
N ILE A 176 6.89 -3.25 31.01
CA ILE A 176 7.32 -3.40 29.63
C ILE A 176 6.50 -4.41 28.82
N ILE A 177 6.28 -5.59 29.39
CA ILE A 177 5.62 -6.67 28.67
C ILE A 177 4.10 -6.47 28.56
N GLN A 178 3.55 -5.54 29.33
CA GLN A 178 2.11 -5.32 29.32
C GLN A 178 1.65 -4.51 28.11
N PHE A 179 1.55 -5.19 26.97
CA PHE A 179 1.12 -4.54 25.73
C PHE A 179 -0.38 -4.34 25.74
N GLU A 180 -0.84 -3.20 25.23
CA GLU A 180 -2.27 -2.91 25.13
C GLU A 180 -2.59 -1.90 24.05
N CYS A 181 -3.84 -1.89 23.61
CA CYS A 181 -4.32 -0.93 22.62
C CYS A 181 -5.34 0.00 23.26
N LYS A 182 -4.96 1.26 23.46
CA LYS A 182 -5.84 2.22 24.11
C LYS A 182 -5.91 3.54 23.35
N SER A 183 -6.90 4.36 23.70
CA SER A 183 -7.13 5.62 23.00
C SER A 183 -7.76 6.66 23.92
N PHE A 184 -7.81 7.91 23.47
CA PHE A 184 -8.42 8.98 24.24
C PHE A 184 -9.94 8.95 24.06
N GLY A 185 -10.65 9.10 25.17
CA GLY A 185 -12.10 9.02 25.16
C GLY A 185 -12.80 10.36 25.10
N HIS A 186 -14.11 10.32 24.97
CA HIS A 186 -14.94 11.52 24.92
C HIS A 186 -15.73 11.62 26.22
N GLU A 187 -15.94 12.85 26.70
CA GLU A 187 -16.65 13.07 27.95
C GLU A 187 -18.12 12.65 27.88
N VAL A 188 -18.63 12.51 26.66
CA VAL A 188 -20.02 12.13 26.46
C VAL A 188 -20.13 10.86 25.62
N LEU A 189 -19.42 10.83 24.49
CA LEU A 189 -19.52 9.73 23.55
C LEU A 189 -18.57 8.58 23.86
N ASN A 190 -18.95 7.38 23.43
CA ASN A 190 -18.07 6.23 23.50
C ASN A 190 -17.60 5.85 22.10
N LEU A 191 -16.49 6.45 21.69
CA LEU A 191 -16.01 6.35 20.31
C LEU A 191 -15.64 4.93 19.89
N THR A 192 -15.29 4.09 20.85
CA THR A 192 -14.89 2.73 20.55
C THR A 192 -16.07 1.76 20.49
N ARG A 193 -17.26 2.26 20.84
CA ARG A 193 -18.44 1.39 20.89
C ARG A 193 -19.68 2.01 20.23
N ASN A 194 -19.50 3.11 19.51
CA ASN A 194 -20.63 3.75 18.84
C ASN A 194 -20.46 3.80 17.31
N GLY A 195 -19.40 3.18 16.82
CA GLY A 195 -19.17 3.11 15.38
C GLY A 195 -18.27 4.21 14.85
N TYR A 196 -18.05 5.24 15.66
CA TYR A 196 -17.25 6.38 15.23
C TYR A 196 -15.78 6.00 15.06
N GLY A 197 -15.15 5.57 16.14
CA GLY A 197 -13.74 5.24 16.12
C GLY A 197 -12.89 6.36 16.69
N SER A 198 -11.63 6.05 17.00
CA SER A 198 -10.72 7.03 17.56
C SER A 198 -9.28 6.62 17.30
N THR A 199 -8.36 7.58 17.40
CA THR A 199 -6.95 7.31 17.17
C THR A 199 -6.39 6.32 18.19
N GLN A 200 -6.00 5.15 17.73
CA GLN A 200 -5.53 4.09 18.61
C GLN A 200 -4.04 4.18 18.91
N TYR A 201 -3.70 3.96 20.18
CA TYR A 201 -2.31 3.96 20.62
C TYR A 201 -1.92 2.58 21.13
N ILE A 202 -0.99 1.94 20.43
CA ILE A 202 -0.55 0.60 20.79
C ILE A 202 0.78 0.61 21.53
N ARG A 203 0.78 0.22 22.80
CA ARG A 203 2.00 0.05 23.56
C ARG A 203 2.62 -1.30 23.20
N PHE A 204 3.80 -1.26 22.59
CA PHE A 204 4.41 -2.48 22.07
C PHE A 204 5.93 -2.40 22.06
N SER A 205 6.57 -3.57 22.15
CA SER A 205 8.02 -3.66 22.03
C SER A 205 8.43 -4.89 21.23
N PRO A 206 9.27 -4.70 20.20
CA PRO A 206 9.80 -5.80 19.40
C PRO A 206 11.09 -6.34 20.00
N ASP A 207 11.47 -5.81 21.16
CA ASP A 207 12.72 -6.20 21.81
C ASP A 207 12.47 -7.19 22.95
N PHE A 208 11.21 -7.46 23.24
CA PHE A 208 10.83 -8.40 24.29
C PHE A 208 9.76 -9.36 23.80
N THR A 209 9.58 -10.46 24.53
CA THR A 209 8.53 -11.42 24.23
C THR A 209 8.23 -12.27 25.47
N PHE A 210 7.15 -13.04 25.40
CA PHE A 210 6.75 -13.90 26.50
C PHE A 210 6.72 -15.35 26.06
N GLY A 211 6.76 -16.28 27.02
CA GLY A 211 6.85 -17.68 26.71
C GLY A 211 5.60 -18.49 27.01
N PHE A 212 5.62 -19.75 26.62
CA PHE A 212 4.53 -20.69 26.88
C PHE A 212 5.05 -22.11 26.73
N GLU A 213 4.51 -23.03 27.53
CA GLU A 213 4.93 -24.42 27.47
C GLU A 213 4.08 -25.21 26.48
N GLU A 214 4.70 -26.18 25.82
CA GLU A 214 4.00 -26.99 24.82
C GLU A 214 4.61 -28.38 24.68
N SER A 215 3.83 -29.40 25.04
CA SER A 215 4.23 -30.77 24.81
C SER A 215 4.17 -31.08 23.32
N LEU A 216 5.34 -31.18 22.70
CA LEU A 216 5.42 -31.27 21.24
C LEU A 216 5.02 -32.64 20.70
N GLU A 217 5.61 -33.69 21.26
CA GLU A 217 5.37 -35.07 20.83
C GLU A 217 5.69 -35.27 19.35
N LEU A 224 10.35 -36.38 24.84
CA LEU A 224 10.68 -36.25 26.25
C LEU A 224 9.64 -35.38 26.97
N GLY A 225 10.11 -34.38 27.70
CA GLY A 225 9.22 -33.51 28.44
C GLY A 225 8.69 -32.35 27.61
N ALA A 226 7.87 -31.51 28.23
CA ALA A 226 7.31 -30.36 27.55
C ALA A 226 8.39 -29.33 27.21
N GLY A 227 8.23 -28.66 26.08
CA GLY A 227 9.20 -27.68 25.64
C GLY A 227 8.86 -26.28 26.10
N LYS A 228 9.88 -25.42 26.13
CA LYS A 228 9.70 -24.03 26.53
C LYS A 228 9.89 -23.11 25.33
N PHE A 229 8.79 -22.68 24.74
CA PHE A 229 8.83 -21.88 23.53
C PHE A 229 8.58 -20.41 23.79
N ALA A 230 8.84 -19.58 22.78
CA ALA A 230 8.59 -18.15 22.87
C ALA A 230 7.65 -17.70 21.76
N THR A 231 6.78 -16.75 22.08
CA THR A 231 5.80 -16.25 21.13
C THR A 231 6.46 -15.36 20.07
N ASP A 232 6.17 -15.64 18.81
CA ASP A 232 6.63 -14.81 17.70
C ASP A 232 6.05 -13.42 17.86
N PRO A 233 6.93 -12.40 17.94
CA PRO A 233 6.51 -11.01 18.13
C PRO A 233 5.61 -10.49 17.02
N ALA A 234 5.68 -11.10 15.84
CA ALA A 234 4.81 -10.72 14.73
C ALA A 234 3.36 -11.02 15.08
N VAL A 235 3.14 -12.17 15.72
CA VAL A 235 1.82 -12.59 16.15
C VAL A 235 1.24 -11.64 17.20
N THR A 236 2.07 -11.26 18.16
CA THR A 236 1.65 -10.38 19.24
C THR A 236 1.24 -9.00 18.73
N LEU A 237 2.03 -8.45 17.81
CA LEU A 237 1.71 -7.16 17.20
C LEU A 237 0.39 -7.24 16.45
N ALA A 238 0.18 -8.37 15.77
CA ALA A 238 -1.06 -8.59 15.02
C ALA A 238 -2.26 -8.59 15.96
N HIS A 239 -2.08 -9.16 17.14
CA HIS A 239 -3.11 -9.20 18.17
C HIS A 239 -3.57 -7.79 18.52
N GLU A 240 -2.61 -6.89 18.70
CA GLU A 240 -2.92 -5.51 19.05
C GLU A 240 -3.56 -4.74 17.88
N LEU A 241 -3.12 -5.06 16.67
CA LEU A 241 -3.67 -4.42 15.47
C LEU A 241 -5.14 -4.81 15.28
N ILE A 242 -5.50 -5.99 15.74
CA ILE A 242 -6.89 -6.46 15.66
C ILE A 242 -7.75 -5.66 16.65
N HIS A 243 -7.22 -5.40 17.83
CA HIS A 243 -7.87 -4.51 18.79
C HIS A 243 -8.12 -3.16 18.15
N ALA A 244 -7.10 -2.66 17.45
CA ALA A 244 -7.18 -1.37 16.78
C ALA A 244 -8.29 -1.36 15.73
N GLY A 245 -8.35 -2.43 14.93
CA GLY A 245 -9.38 -2.56 13.91
C GLY A 245 -10.78 -2.48 14.48
N HIS A 246 -10.99 -3.14 15.61
CA HIS A 246 -12.28 -3.12 16.29
C HIS A 246 -12.62 -1.71 16.75
N ARG A 247 -11.65 -1.05 17.37
CA ARG A 247 -11.86 0.25 17.97
C ARG A 247 -11.90 1.40 16.96
N LEU A 248 -11.23 1.21 15.83
CA LEU A 248 -11.25 2.21 14.76
C LEU A 248 -12.62 2.28 14.09
N TYR A 249 -13.32 1.16 14.08
CA TYR A 249 -14.66 1.11 13.49
C TYR A 249 -15.73 1.17 14.57
N GLY A 250 -15.30 1.36 15.81
CA GLY A 250 -16.21 1.51 16.94
C GLY A 250 -17.12 0.33 17.17
N ILE A 251 -16.57 -0.89 17.08
CA ILE A 251 -17.35 -2.09 17.31
C ILE A 251 -16.74 -2.97 18.40
N ALA A 252 -15.86 -2.38 19.21
CA ALA A 252 -15.23 -3.12 20.30
C ALA A 252 -16.23 -3.50 21.39
N ILE A 253 -15.99 -4.63 22.04
CA ILE A 253 -16.87 -5.08 23.12
C ILE A 253 -16.49 -4.39 24.42
N ASN A 254 -17.51 -3.94 25.15
CA ASN A 254 -17.32 -3.30 26.45
C ASN A 254 -16.51 -4.19 27.40
N PRO A 255 -15.39 -3.68 27.91
CA PRO A 255 -14.47 -4.44 28.78
C PRO A 255 -15.11 -4.96 30.07
N ASN A 256 -16.34 -4.57 30.36
CA ASN A 256 -17.05 -5.13 31.51
C ASN A 256 -17.50 -6.56 31.24
N ARG A 257 -17.76 -6.86 29.97
CA ARG A 257 -18.10 -8.21 29.55
C ARG A 257 -16.90 -9.13 29.70
N VAL A 258 -16.94 -10.00 30.70
CA VAL A 258 -15.84 -10.91 30.97
C VAL A 258 -16.31 -12.36 31.07
N GLU A 273 -10.24 -14.22 34.96
CA GLU A 273 -11.18 -13.26 34.39
C GLU A 273 -10.66 -12.69 33.08
N VAL A 274 -11.28 -13.12 31.98
CA VAL A 274 -10.89 -12.64 30.65
C VAL A 274 -12.09 -12.03 29.92
N SER A 275 -11.89 -10.84 29.34
CA SER A 275 -12.97 -10.13 28.67
C SER A 275 -13.37 -10.79 27.35
N PHE A 276 -14.56 -10.46 26.87
CA PHE A 276 -15.04 -10.98 25.59
C PHE A 276 -14.18 -10.44 24.46
N GLU A 277 -13.74 -9.19 24.61
CA GLU A 277 -12.93 -8.52 23.59
C GLU A 277 -11.63 -9.26 23.34
N GLU A 278 -10.96 -9.67 24.41
CA GLU A 278 -9.71 -10.42 24.31
C GLU A 278 -9.95 -11.81 23.73
N LEU A 279 -11.12 -12.37 24.05
CA LEU A 279 -11.46 -13.72 23.62
C LEU A 279 -11.79 -13.74 22.13
N ARG A 280 -12.43 -12.66 21.66
CA ARG A 280 -12.75 -12.52 20.25
C ARG A 280 -11.49 -12.28 19.43
N THR A 281 -10.60 -11.45 19.97
CA THR A 281 -9.36 -11.08 19.28
C THR A 281 -8.42 -12.27 19.11
N PHE A 282 -8.35 -13.13 20.13
CA PHE A 282 -7.52 -14.32 20.08
C PHE A 282 -8.04 -15.29 19.01
N GLY A 283 -9.36 -15.44 18.96
CA GLY A 283 -10.00 -16.26 17.95
C GLY A 283 -9.89 -17.75 18.23
N GLY A 284 -10.13 -18.56 17.19
CA GLY A 284 -10.09 -19.99 17.33
C GLY A 284 -11.26 -20.51 18.13
N HIS A 285 -11.04 -21.61 18.85
CA HIS A 285 -12.09 -22.20 19.68
C HIS A 285 -12.35 -21.35 20.93
N ASP A 286 -11.46 -20.39 21.19
CA ASP A 286 -11.62 -19.47 22.30
C ASP A 286 -12.85 -18.59 22.12
N ALA A 287 -13.01 -18.05 20.91
CA ALA A 287 -14.09 -17.12 20.62
C ALA A 287 -15.45 -17.80 20.52
N LYS A 288 -15.43 -19.13 20.41
CA LYS A 288 -16.68 -19.88 20.29
C LYS A 288 -17.40 -20.02 21.62
N PHE A 289 -16.71 -19.70 22.71
CA PHE A 289 -17.31 -19.76 24.04
C PHE A 289 -18.34 -18.66 24.23
N ILE A 290 -18.28 -17.65 23.38
CA ILE A 290 -19.32 -16.63 23.32
C ILE A 290 -20.51 -17.21 22.59
N ASP A 291 -21.66 -17.27 23.26
CA ASP A 291 -22.85 -17.87 22.66
C ASP A 291 -23.30 -17.07 21.43
N SER A 292 -23.77 -17.78 20.41
CA SER A 292 -24.12 -17.17 19.13
C SER A 292 -25.23 -16.14 19.25
N LEU A 293 -26.12 -16.33 20.22
CA LEU A 293 -27.21 -15.39 20.46
C LEU A 293 -26.68 -14.05 20.94
N GLN A 294 -25.61 -14.10 21.72
CA GLN A 294 -24.96 -12.88 22.19
C GLN A 294 -24.27 -12.18 21.03
N GLU A 295 -23.73 -12.97 20.11
CA GLU A 295 -23.07 -12.44 18.92
C GLU A 295 -24.07 -11.71 18.02
N ASN A 296 -25.25 -12.30 17.85
CA ASN A 296 -26.29 -11.70 17.02
C ASN A 296 -26.81 -10.40 17.61
N GLU A 297 -26.81 -10.31 18.94
CA GLU A 297 -27.25 -9.10 19.61
C GLU A 297 -26.22 -7.98 19.41
N PHE A 298 -24.94 -8.36 19.42
CA PHE A 298 -23.86 -7.42 19.16
C PHE A 298 -23.90 -6.93 17.72
N ARG A 299 -23.94 -7.90 16.80
CA ARG A 299 -23.93 -7.61 15.37
C ARG A 299 -25.09 -6.72 14.94
N LEU A 300 -26.24 -6.90 15.57
CA LEU A 300 -27.42 -6.10 15.26
C LEU A 300 -27.34 -4.73 15.93
N TYR A 301 -26.64 -4.66 17.05
CA TYR A 301 -26.47 -3.41 17.78
C TYR A 301 -25.61 -2.43 17.00
N TYR A 302 -24.51 -2.91 16.43
CA TYR A 302 -23.61 -2.07 15.66
C TYR A 302 -24.13 -1.85 14.25
N TYR A 303 -25.07 -2.69 13.83
CA TYR A 303 -25.74 -2.51 12.55
C TYR A 303 -26.60 -1.25 12.61
N ASN A 304 -27.24 -1.04 13.77
CA ASN A 304 -28.03 0.15 14.00
C ASN A 304 -27.15 1.35 14.33
N LYS A 305 -25.98 1.07 14.90
CA LYS A 305 -25.01 2.12 15.21
C LYS A 305 -24.45 2.74 13.94
N PHE A 306 -24.23 1.89 12.93
CA PHE A 306 -23.78 2.36 11.63
C PHE A 306 -24.89 3.11 10.91
N LYS A 307 -26.13 2.75 11.22
CA LYS A 307 -27.29 3.42 10.63
C LYS A 307 -27.40 4.87 11.10
N ASP A 308 -27.10 5.09 12.37
CA ASP A 308 -27.14 6.44 12.93
C ASP A 308 -26.07 7.32 12.29
N ILE A 309 -24.92 6.72 11.98
CA ILE A 309 -23.84 7.43 11.32
C ILE A 309 -24.25 7.81 9.90
N ALA A 310 -25.03 6.94 9.26
CA ALA A 310 -25.53 7.20 7.91
C ALA A 310 -26.52 8.36 7.90
N SER A 311 -27.37 8.41 8.92
CA SER A 311 -28.36 9.48 9.04
C SER A 311 -27.70 10.83 9.32
N THR A 312 -26.62 10.80 10.10
CA THR A 312 -25.86 12.01 10.42
C THR A 312 -25.21 12.58 9.16
N LEU A 313 -24.66 11.69 8.33
CA LEU A 313 -24.04 12.10 7.08
C LEU A 313 -25.07 12.69 6.11
N ASN A 314 -26.30 12.21 6.20
CA ASN A 314 -27.38 12.72 5.36
C ASN A 314 -27.86 14.11 5.77
N LYS A 315 -27.76 14.42 7.07
CA LYS A 315 -28.21 15.71 7.57
C LYS A 315 -27.07 16.73 7.60
N ALA A 316 -25.88 16.31 7.19
CA ALA A 316 -24.73 17.21 7.16
C ALA A 316 -24.87 18.24 6.05
N LYS A 317 -24.93 19.52 6.42
CA LYS A 317 -25.08 20.59 5.47
C LYS A 317 -23.90 21.56 5.50
N SER A 318 -23.22 21.62 6.64
CA SER A 318 -22.07 22.50 6.81
C SER A 318 -20.89 21.74 7.40
N ILE A 319 -19.70 22.33 7.29
CA ILE A 319 -18.50 21.69 7.83
C ILE A 319 -17.52 22.71 8.40
N VAL A 320 -17.10 22.47 9.65
CA VAL A 320 -16.10 23.30 10.30
C VAL A 320 -14.74 22.60 10.25
N GLY A 321 -13.73 23.33 9.78
CA GLY A 321 -12.41 22.77 9.59
C GLY A 321 -11.83 23.25 8.28
N THR A 322 -12.10 24.52 7.97
CA THR A 322 -11.68 25.19 6.74
C THR A 322 -11.67 24.34 5.46
N THR A 323 -10.52 24.26 4.81
CA THR A 323 -10.36 23.68 3.47
C THR A 323 -11.07 22.35 3.22
N ALA A 324 -11.12 21.49 4.23
CA ALA A 324 -11.70 20.16 4.10
C ALA A 324 -13.11 20.18 3.53
N SER A 325 -13.25 19.67 2.31
CA SER A 325 -14.54 19.67 1.62
C SER A 325 -15.57 18.78 2.30
N LEU A 326 -16.81 19.23 2.32
CA LEU A 326 -17.90 18.43 2.88
C LEU A 326 -18.15 17.22 2.00
N GLN A 327 -18.10 17.43 0.68
CA GLN A 327 -18.32 16.36 -0.28
C GLN A 327 -17.20 15.33 -0.25
N TYR A 328 -15.99 15.77 0.07
CA TYR A 328 -14.85 14.87 0.14
C TYR A 328 -14.91 14.01 1.40
N MET A 329 -15.30 14.61 2.52
CA MET A 329 -15.36 13.90 3.79
C MET A 329 -16.53 12.92 3.85
N LYS A 330 -17.63 13.25 3.19
CA LYS A 330 -18.77 12.36 3.12
C LYS A 330 -18.40 11.10 2.33
N ASN A 331 -17.56 11.26 1.33
CA ASN A 331 -17.06 10.14 0.55
C ASN A 331 -16.06 9.30 1.32
N VAL A 332 -15.27 9.97 2.17
CA VAL A 332 -14.30 9.27 3.01
C VAL A 332 -14.99 8.26 3.92
N PHE A 333 -16.09 8.68 4.54
CA PHE A 333 -16.82 7.81 5.46
C PHE A 333 -17.82 6.91 4.75
N LYS A 334 -18.16 7.24 3.51
CA LYS A 334 -18.95 6.34 2.68
C LYS A 334 -18.06 5.16 2.32
N GLU A 335 -16.80 5.44 2.00
CA GLU A 335 -15.82 4.43 1.69
C GLU A 335 -15.51 3.58 2.91
N LYS A 336 -15.41 4.23 4.07
CA LYS A 336 -15.03 3.55 5.30
C LYS A 336 -16.04 2.51 5.77
N TYR A 337 -17.32 2.91 5.84
CA TYR A 337 -18.36 2.02 6.34
C TYR A 337 -19.07 1.24 5.24
N LEU A 338 -18.61 1.44 4.00
CA LEU A 338 -19.16 0.75 2.84
C LEU A 338 -20.66 1.02 2.68
N LEU A 339 -21.02 2.29 2.66
CA LEU A 339 -22.43 2.70 2.57
C LEU A 339 -22.90 2.77 1.13
N SER A 340 -24.17 2.44 0.92
CA SER A 340 -24.78 2.56 -0.41
C SER A 340 -25.29 3.99 -0.62
N GLU A 341 -25.34 4.41 -1.88
CA GLU A 341 -25.81 5.74 -2.21
C GLU A 341 -26.78 5.69 -3.39
N ASP A 342 -27.95 6.30 -3.22
CA ASP A 342 -28.95 6.31 -4.28
C ASP A 342 -28.72 7.45 -5.27
N THR A 343 -29.70 7.67 -6.14
CA THR A 343 -29.60 8.69 -7.18
C THR A 343 -29.61 10.09 -6.57
N SER A 344 -30.35 10.25 -5.48
CA SER A 344 -30.46 11.56 -4.82
C SER A 344 -29.31 11.82 -3.86
N GLY A 345 -28.32 10.94 -3.86
CA GLY A 345 -27.13 11.13 -3.05
C GLY A 345 -27.32 10.84 -1.58
N LYS A 346 -28.33 10.04 -1.26
CA LYS A 346 -28.58 9.66 0.13
C LYS A 346 -27.81 8.41 0.51
N PHE A 347 -27.18 8.44 1.68
CA PHE A 347 -26.41 7.31 2.18
C PHE A 347 -27.27 6.35 2.99
N SER A 348 -26.93 5.07 2.95
CA SER A 348 -27.64 4.05 3.71
C SER A 348 -26.76 2.82 3.93
N VAL A 349 -27.13 1.99 4.90
CA VAL A 349 -26.35 0.81 5.23
C VAL A 349 -26.94 -0.44 4.58
N ASP A 350 -26.14 -1.09 3.74
CA ASP A 350 -26.53 -2.36 3.14
C ASP A 350 -26.33 -3.48 4.17
N LYS A 351 -27.32 -4.35 4.28
CA LYS A 351 -27.32 -5.39 5.30
C LYS A 351 -26.17 -6.39 5.12
N LEU A 352 -26.13 -7.05 3.97
CA LEU A 352 -25.12 -8.08 3.73
C LEU A 352 -23.73 -7.49 3.48
N LYS A 353 -23.68 -6.19 3.26
CA LYS A 353 -22.40 -5.51 3.11
C LYS A 353 -21.80 -5.23 4.48
N PHE A 354 -22.66 -4.88 5.43
CA PHE A 354 -22.25 -4.65 6.81
C PHE A 354 -21.75 -5.93 7.45
N ASP A 355 -22.48 -7.03 7.21
CA ASP A 355 -22.12 -8.32 7.74
C ASP A 355 -20.76 -8.79 7.23
N LYS A 356 -20.44 -8.40 6.00
CA LYS A 356 -19.13 -8.71 5.42
C LYS A 356 -18.01 -8.00 6.20
N LEU A 357 -18.17 -6.70 6.38
CA LEU A 357 -17.19 -5.91 7.13
C LEU A 357 -17.09 -6.35 8.57
N TYR A 358 -18.24 -6.63 9.19
CA TYR A 358 -18.29 -7.03 10.59
C TYR A 358 -17.62 -8.38 10.82
N LYS A 359 -17.87 -9.33 9.91
CA LYS A 359 -17.29 -10.67 10.02
C LYS A 359 -15.78 -10.61 9.79
N MET A 360 -15.36 -9.71 8.90
CA MET A 360 -13.96 -9.54 8.58
C MET A 360 -13.20 -9.02 9.79
N LEU A 361 -13.75 -7.99 10.43
CA LEU A 361 -13.09 -7.35 11.56
C LEU A 361 -13.08 -8.21 12.82
N THR A 362 -14.10 -9.05 12.99
CA THR A 362 -14.28 -9.77 14.25
C THR A 362 -13.98 -11.26 14.18
N GLU A 363 -14.26 -11.89 13.04
CA GLU A 363 -14.09 -13.34 12.92
C GLU A 363 -12.88 -13.76 12.09
N ILE A 364 -12.57 -12.99 11.05
CA ILE A 364 -11.46 -13.33 10.17
C ILE A 364 -10.14 -12.81 10.71
N TYR A 365 -10.15 -11.57 11.20
CA TYR A 365 -8.95 -10.98 11.79
C TYR A 365 -8.74 -11.47 13.22
N THR A 366 -8.15 -12.65 13.37
CA THR A 366 -7.88 -13.19 14.71
C THR A 366 -6.41 -13.57 14.85
N GLU A 367 -5.95 -13.62 16.09
CA GLU A 367 -4.58 -14.04 16.39
C GLU A 367 -4.35 -15.47 15.92
N ASP A 368 -5.37 -16.31 16.12
CA ASP A 368 -5.28 -17.72 15.74
C ASP A 368 -5.09 -17.91 14.23
N ASN A 369 -5.81 -17.12 13.44
CA ASN A 369 -5.69 -17.20 12.00
C ASN A 369 -4.33 -16.74 11.48
N PHE A 370 -3.72 -15.79 12.20
CA PHE A 370 -2.37 -15.33 11.84
C PHE A 370 -1.32 -16.40 12.13
N VAL A 371 -1.54 -17.17 13.19
CA VAL A 371 -0.64 -18.27 13.54
C VAL A 371 -0.62 -19.30 12.41
N LYS A 372 -1.78 -19.56 11.83
CA LYS A 372 -1.88 -20.50 10.71
C LYS A 372 -1.15 -19.98 9.48
N PHE A 373 -1.33 -18.69 9.16
CA PHE A 373 -0.68 -18.07 8.02
C PHE A 373 0.84 -18.05 8.19
N PHE A 374 1.29 -17.71 9.39
CA PHE A 374 2.72 -17.67 9.70
C PHE A 374 3.32 -19.05 9.81
N LYS A 375 2.47 -20.04 10.07
CA LYS A 375 2.91 -21.42 10.31
C LYS A 375 3.95 -21.48 11.43
N VAL A 376 3.60 -20.88 12.56
CA VAL A 376 4.47 -20.88 13.73
C VAL A 376 3.75 -21.51 14.92
N LEU A 377 4.46 -21.69 16.02
CA LEU A 377 3.87 -22.26 17.23
C LEU A 377 3.35 -21.16 18.14
N ASN A 378 2.18 -21.39 18.73
CA ASN A 378 1.58 -20.42 19.64
C ASN A 378 0.74 -21.14 20.69
N ARG A 379 0.47 -20.46 21.80
CA ARG A 379 -0.36 -21.04 22.85
C ARG A 379 -1.78 -21.24 22.34
N LYS A 380 -2.44 -22.30 22.82
CA LYS A 380 -3.73 -22.71 22.28
C LYS A 380 -4.91 -21.94 22.86
N THR A 381 -4.68 -21.27 23.99
CA THR A 381 -5.70 -20.40 24.57
C THR A 381 -5.08 -19.09 25.05
N TYR A 382 -5.92 -18.06 25.19
CA TYR A 382 -5.47 -16.71 25.51
C TYR A 382 -4.67 -16.62 26.81
N LEU A 383 -5.05 -17.42 27.80
CA LEU A 383 -4.41 -17.35 29.11
C LEU A 383 -3.35 -18.42 29.32
N ASN A 384 -3.07 -19.20 28.28
CA ASN A 384 -2.14 -20.33 28.40
C ASN A 384 -0.68 -19.94 28.28
N PHE A 385 -0.31 -18.80 28.87
CA PHE A 385 1.08 -18.36 28.87
C PHE A 385 1.67 -18.45 30.27
N ASP A 386 2.96 -18.78 30.35
CA ASP A 386 3.65 -18.80 31.64
C ASP A 386 4.14 -17.41 32.00
N LYS A 387 4.90 -17.30 33.08
CA LYS A 387 5.38 -16.01 33.54
C LYS A 387 6.72 -15.62 32.92
N ALA A 388 7.21 -16.47 32.02
CA ALA A 388 8.53 -16.25 31.41
C ALA A 388 8.54 -15.04 30.47
N VAL A 389 9.61 -14.25 30.56
CA VAL A 389 9.81 -13.10 29.69
C VAL A 389 11.23 -13.12 29.14
N PHE A 390 11.37 -12.95 27.82
CA PHE A 390 12.67 -13.07 27.17
C PHE A 390 13.09 -11.79 26.44
N LYS A 391 14.40 -11.53 26.42
CA LYS A 391 14.95 -10.43 25.64
C LYS A 391 15.39 -10.95 24.28
N ILE A 392 14.98 -10.28 23.22
CA ILE A 392 15.27 -10.74 21.87
C ILE A 392 15.83 -9.62 20.98
N ASN A 393 16.17 -10.00 19.76
CA ASN A 393 16.61 -9.05 18.74
C ASN A 393 16.30 -9.59 17.35
N ILE A 394 15.21 -9.11 16.78
CA ILE A 394 14.70 -9.64 15.53
C ILE A 394 15.22 -8.89 14.30
N VAL A 395 16.01 -7.85 14.54
CA VAL A 395 16.52 -7.02 13.44
C VAL A 395 17.52 -7.73 12.51
N PRO A 396 18.56 -8.37 13.08
CA PRO A 396 19.45 -9.10 12.16
C PRO A 396 18.74 -10.28 11.51
N LYS A 397 18.92 -10.44 10.20
CA LYS A 397 18.22 -11.50 9.46
C LYS A 397 18.79 -12.89 9.76
N VAL A 398 19.90 -12.93 10.49
CA VAL A 398 20.47 -14.20 10.94
C VAL A 398 19.70 -14.67 12.18
N ASN A 399 18.91 -13.78 12.75
CA ASN A 399 18.13 -14.08 13.94
C ASN A 399 16.64 -14.27 13.62
N TYR A 400 16.15 -13.52 12.64
CA TYR A 400 14.73 -13.44 12.38
C TYR A 400 14.49 -12.91 10.96
N THR A 401 13.67 -13.61 10.20
CA THR A 401 13.38 -13.18 8.83
C THR A 401 11.91 -12.84 8.65
N ILE A 402 11.63 -12.06 7.62
CA ILE A 402 10.26 -11.65 7.30
C ILE A 402 9.38 -12.84 6.92
N TYR A 403 9.97 -13.81 6.23
CA TYR A 403 9.23 -14.98 5.76
C TYR A 403 9.04 -16.05 6.83
N ASP A 404 10.08 -16.33 7.61
CA ASP A 404 10.07 -17.48 8.51
C ASP A 404 10.03 -17.11 9.99
N GLY A 405 10.48 -15.91 10.33
CA GLY A 405 10.62 -15.52 11.72
C GLY A 405 11.87 -16.15 12.32
N PHE A 406 11.72 -16.74 13.50
CA PHE A 406 12.84 -17.43 14.15
C PHE A 406 13.15 -18.75 13.47
N ASN A 407 12.10 -19.40 12.96
CA ASN A 407 12.22 -20.72 12.35
C ASN A 407 12.85 -20.65 10.95
N LEU A 408 14.13 -20.33 10.91
CA LEU A 408 14.84 -20.14 9.65
C LEU A 408 14.82 -21.38 8.77
N ARG A 409 14.43 -21.21 7.50
CA ARG A 409 14.37 -22.32 6.55
C ARG A 409 15.78 -22.81 6.23
N ASN A 410 15.86 -24.00 5.65
CA ASN A 410 17.13 -24.61 5.26
C ASN A 410 18.09 -24.88 6.43
N THR A 411 17.60 -24.71 7.65
CA THR A 411 18.42 -24.94 8.83
C THR A 411 17.74 -25.93 9.78
N ASN A 412 18.37 -26.14 10.94
CA ASN A 412 17.82 -27.03 11.95
C ASN A 412 16.72 -26.36 12.77
N LEU A 413 16.48 -25.09 12.50
CA LEU A 413 15.46 -24.33 13.21
C LEU A 413 14.13 -24.37 12.48
N ALA A 414 14.12 -24.98 11.31
CA ALA A 414 12.91 -25.07 10.49
C ALA A 414 12.06 -26.27 10.89
N ALA A 415 12.66 -27.21 11.61
CA ALA A 415 11.96 -28.42 12.02
C ALA A 415 11.45 -28.33 13.45
N ASN A 416 10.21 -28.78 13.66
CA ASN A 416 9.59 -28.83 14.98
C ASN A 416 9.59 -27.51 15.74
N PHE A 417 9.56 -26.40 15.00
CA PHE A 417 9.57 -25.06 15.58
C PHE A 417 10.75 -24.84 16.51
N ASN A 418 11.92 -25.31 16.10
CA ASN A 418 13.13 -25.18 16.92
C ASN A 418 13.58 -23.73 17.09
N GLY A 419 13.24 -22.89 16.12
CA GLY A 419 13.60 -21.49 16.18
C GLY A 419 12.93 -20.77 17.34
N GLN A 420 11.76 -21.25 17.72
CA GLN A 420 11.02 -20.67 18.83
C GLN A 420 11.32 -21.39 20.14
N ASN A 421 12.12 -22.44 20.05
CA ASN A 421 12.52 -23.20 21.24
C ASN A 421 13.62 -22.47 22.00
N THR A 422 13.31 -22.05 23.22
CA THR A 422 14.25 -21.28 24.03
C THR A 422 15.44 -22.11 24.49
N GLU A 423 15.29 -23.43 24.46
CA GLU A 423 16.36 -24.33 24.85
C GLU A 423 17.34 -24.54 23.71
N ILE A 424 16.82 -24.90 22.55
CA ILE A 424 17.63 -25.18 21.38
C ILE A 424 18.23 -23.91 20.79
N ASN A 425 17.38 -22.97 20.41
CA ASN A 425 17.83 -21.69 19.87
C ASN A 425 18.01 -20.67 20.98
N ASN A 426 18.78 -21.07 21.99
CA ASN A 426 18.99 -20.25 23.19
C ASN A 426 19.78 -18.98 22.93
N MET A 427 20.51 -18.94 21.81
CA MET A 427 21.30 -17.77 21.46
C MET A 427 20.42 -16.59 21.09
N ASN A 428 19.15 -16.86 20.78
CA ASN A 428 18.21 -15.83 20.38
C ASN A 428 17.33 -15.34 21.53
N PHE A 429 17.31 -16.08 22.63
CA PHE A 429 16.44 -15.74 23.75
C PHE A 429 17.21 -15.67 25.06
N THR A 430 17.07 -14.54 25.76
CA THR A 430 17.70 -14.36 27.06
C THR A 430 16.64 -14.32 28.15
N LYS A 431 16.69 -15.30 29.06
CA LYS A 431 15.72 -15.41 30.14
C LYS A 431 15.81 -14.22 31.10
N LEU A 432 14.64 -13.68 31.47
CA LEU A 432 14.60 -12.50 32.33
C LEU A 432 13.57 -12.64 33.46
N LYS A 433 13.91 -12.05 34.60
CA LYS A 433 12.97 -11.91 35.72
C LYS A 433 13.51 -10.96 36.77
N SER B 7 -22.85 -6.07 -10.38
CA SER B 7 -21.80 -6.28 -9.39
C SER B 7 -20.45 -6.46 -10.06
N SER B 8 -19.47 -5.67 -9.64
CA SER B 8 -18.15 -5.69 -10.28
C SER B 8 -17.14 -6.54 -9.51
N GLY B 9 -17.30 -6.63 -8.19
CA GLY B 9 -16.40 -7.41 -7.37
C GLY B 9 -15.01 -6.82 -7.30
N LEU B 10 -14.93 -5.55 -6.89
CA LEU B 10 -13.65 -4.87 -6.78
C LEU B 10 -12.86 -5.33 -5.56
N VAL B 11 -13.56 -5.98 -4.62
CA VAL B 11 -12.90 -6.51 -3.43
C VAL B 11 -13.42 -7.90 -3.06
N PRO B 12 -12.75 -8.95 -3.57
CA PRO B 12 -13.12 -10.35 -3.32
C PRO B 12 -12.65 -10.83 -1.95
N ARG B 13 -11.60 -10.22 -1.41
CA ARG B 13 -11.11 -10.56 -0.08
C ARG B 13 -10.79 -9.32 0.73
N GLY B 14 -11.35 -9.23 1.94
CA GLY B 14 -11.13 -8.09 2.80
C GLY B 14 -12.30 -7.13 2.79
N SER B 15 -12.10 -5.95 3.38
CA SER B 15 -13.16 -4.95 3.45
C SER B 15 -13.02 -3.90 2.36
N HIS B 16 -11.78 -3.55 2.01
CA HIS B 16 -11.53 -2.52 1.01
C HIS B 16 -10.47 -2.95 0.00
N MET B 17 -10.39 -2.24 -1.12
CA MET B 17 -9.33 -2.47 -2.11
C MET B 17 -7.98 -2.18 -1.49
N GLN B 18 -6.94 -2.88 -1.97
CA GLN B 18 -5.62 -2.80 -1.34
C GLN B 18 -4.68 -1.76 -1.97
N PHE B 19 -4.84 -1.51 -3.27
CA PHE B 19 -3.99 -0.53 -3.95
C PHE B 19 -4.74 0.76 -4.31
N VAL B 20 -5.85 0.62 -5.02
CA VAL B 20 -6.68 1.77 -5.38
C VAL B 20 -7.40 2.31 -4.16
N ASN B 21 -7.30 3.61 -3.94
CA ASN B 21 -7.79 4.23 -2.70
C ASN B 21 -9.30 4.42 -2.60
N LYS B 22 -9.96 4.62 -3.74
CA LYS B 22 -11.40 4.87 -3.73
C LYS B 22 -12.13 4.11 -4.82
N GLN B 23 -13.32 3.60 -4.51
CA GLN B 23 -14.19 3.04 -5.53
C GLN B 23 -14.86 4.19 -6.27
N PHE B 24 -14.12 4.80 -7.18
CA PHE B 24 -14.58 6.00 -7.86
C PHE B 24 -15.78 5.76 -8.78
N ASN B 25 -16.68 6.75 -8.82
CA ASN B 25 -17.65 6.86 -9.88
C ASN B 25 -17.31 8.11 -10.66
N TYR B 26 -17.57 8.10 -11.97
CA TYR B 26 -17.31 9.29 -12.78
C TYR B 26 -18.28 10.40 -12.39
N LYS B 27 -19.40 10.01 -11.78
CA LYS B 27 -20.43 10.94 -11.35
C LYS B 27 -19.96 11.83 -10.20
N ASP B 28 -19.07 11.30 -9.38
CA ASP B 28 -18.62 11.97 -8.15
C ASP B 28 -18.11 13.39 -8.40
N PRO B 29 -18.52 14.33 -7.53
CA PRO B 29 -18.12 15.74 -7.65
C PRO B 29 -16.65 15.94 -7.31
N VAL B 30 -16.04 16.97 -7.87
CA VAL B 30 -14.63 17.27 -7.62
C VAL B 30 -14.40 17.68 -6.16
N ASN B 31 -13.16 17.55 -5.72
CA ASN B 31 -12.81 17.89 -4.35
C ASN B 31 -11.42 18.51 -4.21
N GLY B 32 -10.67 18.50 -5.30
CA GLY B 32 -9.35 19.10 -5.33
C GLY B 32 -8.28 18.27 -4.65
N VAL B 33 -8.65 17.07 -4.21
CA VAL B 33 -7.71 16.17 -3.55
C VAL B 33 -7.41 14.94 -4.41
N ASP B 34 -8.44 14.15 -4.68
CA ASP B 34 -8.27 12.96 -5.51
C ASP B 34 -9.26 12.93 -6.69
N ILE B 35 -10.13 13.94 -6.74
CA ILE B 35 -11.02 14.13 -7.88
C ILE B 35 -11.04 15.61 -8.26
N ALA B 36 -10.50 15.91 -9.44
CA ALA B 36 -10.42 17.30 -9.90
C ALA B 36 -10.14 17.40 -11.38
N TYR B 37 -10.43 18.57 -11.96
CA TYR B 37 -10.07 18.87 -13.33
C TYR B 37 -8.60 19.29 -13.37
N ILE B 38 -7.83 18.69 -14.27
CA ILE B 38 -6.41 18.96 -14.35
C ILE B 38 -5.98 19.36 -15.76
N LYS B 39 -4.79 19.95 -15.86
CA LYS B 39 -4.20 20.32 -17.14
C LYS B 39 -2.78 19.80 -17.25
N ILE B 40 -2.35 19.48 -18.47
CA ILE B 40 -1.01 18.97 -18.71
C ILE B 40 -0.12 20.06 -19.30
N PRO B 41 0.86 20.54 -18.51
CA PRO B 41 1.77 21.62 -18.92
C PRO B 41 2.55 21.27 -20.18
N GLN B 45 -1.51 24.24 -24.20
CA GLN B 45 -2.85 24.78 -24.08
C GLN B 45 -3.91 23.70 -24.27
N MET B 46 -4.83 23.60 -23.34
CA MET B 46 -5.88 22.60 -23.40
C MET B 46 -7.08 22.96 -22.53
N GLN B 47 -8.06 22.05 -22.47
CA GLN B 47 -9.23 22.21 -21.63
C GLN B 47 -9.12 21.27 -20.43
N PRO B 48 -9.40 21.79 -19.22
CA PRO B 48 -9.33 21.02 -17.99
C PRO B 48 -10.16 19.73 -18.04
N VAL B 49 -9.49 18.59 -17.94
CA VAL B 49 -10.18 17.30 -17.96
C VAL B 49 -10.29 16.71 -16.56
N LYS B 50 -11.41 16.05 -16.29
CA LYS B 50 -11.67 15.46 -14.98
C LYS B 50 -10.82 14.21 -14.77
N ALA B 51 -10.05 14.19 -13.70
CA ALA B 51 -9.14 13.07 -13.42
C ALA B 51 -9.42 12.44 -12.05
N PHE B 52 -8.91 11.23 -11.86
CA PHE B 52 -9.13 10.49 -10.63
C PHE B 52 -7.83 9.92 -10.10
N LYS B 53 -7.51 10.24 -8.85
CA LYS B 53 -6.28 9.80 -8.21
C LYS B 53 -6.47 8.45 -7.52
N ILE B 54 -6.01 7.38 -8.18
CA ILE B 54 -6.23 6.03 -7.68
C ILE B 54 -5.21 5.61 -6.61
N HIS B 55 -4.03 6.23 -6.67
CA HIS B 55 -2.98 5.93 -5.70
C HIS B 55 -2.02 7.12 -5.63
N ASN B 56 -1.16 7.09 -4.62
CA ASN B 56 -0.11 8.10 -4.50
C ASN B 56 0.71 8.16 -5.79
N LYS B 57 0.87 9.37 -6.31
CA LYS B 57 1.65 9.63 -7.52
C LYS B 57 1.06 9.04 -8.80
N ILE B 58 -0.16 8.54 -8.74
CA ILE B 58 -0.81 7.95 -9.92
C ILE B 58 -2.22 8.49 -10.18
N TRP B 59 -2.47 8.94 -11.42
CA TRP B 59 -3.76 9.48 -11.80
C TRP B 59 -4.31 8.77 -13.03
N VAL B 60 -5.65 8.73 -13.14
CA VAL B 60 -6.30 8.15 -14.31
C VAL B 60 -7.14 9.21 -15.03
N ILE B 61 -6.94 9.34 -16.34
CA ILE B 61 -7.70 10.30 -17.14
C ILE B 61 -8.57 9.57 -18.18
N PRO B 62 -9.86 9.41 -17.87
CA PRO B 62 -10.82 8.69 -18.72
C PRO B 62 -11.16 9.43 -20.01
N GLU B 63 -10.15 9.81 -20.79
CA GLU B 63 -10.35 10.51 -22.04
C GLU B 63 -9.44 9.94 -23.12
N ARG B 64 -9.78 10.17 -24.38
CA ARG B 64 -8.90 9.84 -25.48
C ARG B 64 -7.69 10.77 -25.42
N ASP B 65 -6.50 10.26 -25.70
CA ASP B 65 -5.30 11.07 -25.63
C ASP B 65 -5.14 11.99 -26.83
N THR B 66 -5.54 13.24 -26.66
CA THR B 66 -5.34 14.26 -27.67
C THR B 66 -4.64 15.46 -27.05
N PHE B 67 -3.92 15.22 -25.96
CA PHE B 67 -3.31 16.29 -25.19
C PHE B 67 -1.78 16.21 -25.17
N THR B 68 -1.26 14.98 -25.25
CA THR B 68 0.18 14.77 -25.14
C THR B 68 0.92 14.98 -26.45
N ASN B 69 0.24 14.71 -27.56
CA ASN B 69 0.85 14.85 -28.87
C ASN B 69 0.13 15.91 -29.72
N PRO B 70 0.84 17.00 -30.03
CA PRO B 70 0.28 18.11 -30.82
C PRO B 70 -0.11 17.71 -32.24
N GLU B 71 0.38 16.56 -32.69
CA GLU B 71 0.02 16.05 -34.01
C GLU B 71 -1.18 15.11 -33.90
N GLU B 72 -1.34 14.50 -32.73
CA GLU B 72 -2.44 13.57 -32.49
C GLU B 72 -3.54 14.22 -31.67
N GLY B 73 -3.89 15.46 -32.02
CA GLY B 73 -4.95 16.18 -31.34
C GLY B 73 -6.29 15.94 -32.00
N ASP B 74 -6.40 14.84 -32.73
CA ASP B 74 -7.63 14.49 -33.41
C ASP B 74 -7.74 12.97 -33.58
N LEU B 75 -8.96 12.46 -33.48
CA LEU B 75 -9.20 11.02 -33.56
C LEU B 75 -9.54 10.59 -34.99
N ASN B 76 -8.96 11.28 -35.97
CA ASN B 76 -9.23 10.97 -37.37
C ASN B 76 -8.36 9.82 -37.89
N PRO B 77 -9.00 8.82 -38.52
CA PRO B 77 -8.30 7.69 -39.14
C PRO B 77 -7.62 8.10 -40.44
N PRO B 78 -6.28 8.00 -40.48
CA PRO B 78 -5.50 8.38 -41.67
C PRO B 78 -5.53 7.29 -42.74
N VAL B 86 -2.05 -4.60 -36.95
CA VAL B 86 -3.08 -4.66 -35.92
C VAL B 86 -3.51 -3.26 -35.49
N SER B 87 -4.70 -2.85 -35.91
CA SER B 87 -5.21 -1.53 -35.58
C SER B 87 -6.74 -1.50 -35.58
N TYR B 88 -7.31 -0.47 -34.95
CA TYR B 88 -8.76 -0.32 -34.89
C TYR B 88 -9.13 1.13 -34.60
N TYR B 89 -10.18 1.61 -35.26
CA TYR B 89 -10.58 3.02 -35.14
C TYR B 89 -12.05 3.19 -34.75
N ASP B 90 -12.30 4.19 -33.91
CA ASP B 90 -13.64 4.55 -33.49
C ASP B 90 -13.57 5.87 -32.72
N SER B 91 -13.97 6.96 -33.38
CA SER B 91 -13.87 8.29 -32.79
C SER B 91 -15.02 8.59 -31.82
N THR B 92 -15.90 7.61 -31.62
CA THR B 92 -17.02 7.78 -30.72
C THR B 92 -16.77 7.07 -29.38
N TYR B 93 -15.80 6.16 -29.37
CA TYR B 93 -15.45 5.43 -28.16
C TYR B 93 -14.94 6.36 -27.07
N LEU B 94 -15.37 6.10 -25.84
CA LEU B 94 -14.95 6.87 -24.68
C LEU B 94 -15.33 8.36 -24.81
N SER B 95 -16.58 8.62 -25.18
CA SER B 95 -17.05 9.99 -25.36
C SER B 95 -18.29 10.28 -24.53
N THR B 96 -18.75 9.29 -23.78
CA THR B 96 -19.92 9.45 -22.92
C THR B 96 -19.56 9.17 -21.47
N ASP B 97 -20.36 9.69 -20.54
CA ASP B 97 -20.12 9.52 -19.12
C ASP B 97 -20.15 8.06 -18.68
N ASN B 98 -21.09 7.30 -19.23
CA ASN B 98 -21.22 5.88 -18.90
C ASN B 98 -19.98 5.08 -19.33
N GLU B 99 -19.35 5.50 -20.42
CA GLU B 99 -18.12 4.86 -20.90
C GLU B 99 -16.94 5.22 -20.01
N LYS B 100 -16.82 6.51 -19.69
CA LYS B 100 -15.73 6.99 -18.86
C LYS B 100 -15.82 6.39 -17.46
N ASP B 101 -17.04 6.13 -17.02
CA ASP B 101 -17.26 5.48 -15.73
C ASP B 101 -16.87 4.00 -15.81
N ASN B 102 -17.17 3.38 -16.94
CA ASN B 102 -16.82 1.97 -17.15
C ASN B 102 -15.32 1.79 -17.40
N TYR B 103 -14.71 2.77 -18.07
CA TYR B 103 -13.27 2.79 -18.28
C TYR B 103 -12.58 2.89 -16.94
N LEU B 104 -13.03 3.84 -16.12
CA LEU B 104 -12.44 4.10 -14.82
C LEU B 104 -12.51 2.88 -13.91
N LYS B 105 -13.60 2.14 -13.99
CA LYS B 105 -13.79 0.95 -13.15
C LYS B 105 -13.07 -0.28 -13.71
N GLY B 106 -12.87 -0.30 -15.03
CA GLY B 106 -12.12 -1.37 -15.66
C GLY B 106 -10.63 -1.28 -15.32
N VAL B 107 -10.12 -0.05 -15.26
CA VAL B 107 -8.72 0.19 -14.95
C VAL B 107 -8.41 -0.10 -13.48
N THR B 108 -9.28 0.38 -12.59
CA THR B 108 -9.12 0.12 -11.16
C THR B 108 -9.12 -1.36 -10.87
N LYS B 109 -9.96 -2.10 -11.59
CA LYS B 109 -10.08 -3.55 -11.41
C LYS B 109 -8.80 -4.26 -11.84
N LEU B 110 -8.18 -3.79 -12.92
CA LEU B 110 -6.95 -4.39 -13.43
C LEU B 110 -5.76 -4.16 -12.50
N PHE B 111 -5.73 -2.99 -11.86
CA PHE B 111 -4.69 -2.70 -10.89
C PHE B 111 -4.75 -3.63 -9.68
N GLU B 112 -5.97 -3.90 -9.21
CA GLU B 112 -6.17 -4.81 -8.09
C GLU B 112 -5.80 -6.23 -8.49
N ARG B 113 -6.08 -6.60 -9.74
CA ARG B 113 -5.72 -7.91 -10.26
C ARG B 113 -4.20 -8.05 -10.31
N ILE B 114 -3.53 -7.00 -10.76
CA ILE B 114 -2.07 -6.98 -10.78
C ILE B 114 -1.49 -7.02 -9.37
N TYR B 115 -2.13 -6.28 -8.46
CA TYR B 115 -1.69 -6.22 -7.07
C TYR B 115 -2.03 -7.51 -6.30
N SER B 116 -2.88 -8.35 -6.88
CA SER B 116 -3.27 -9.61 -6.23
C SER B 116 -2.15 -10.65 -6.34
N THR B 117 -1.18 -10.39 -7.19
CA THR B 117 -0.02 -11.27 -7.34
C THR B 117 1.18 -10.67 -6.63
N ASP B 118 2.14 -11.51 -6.27
CA ASP B 118 3.32 -11.07 -5.55
C ASP B 118 4.21 -10.20 -6.43
N LEU B 119 4.38 -10.62 -7.68
CA LEU B 119 5.20 -9.88 -8.63
C LEU B 119 4.63 -8.50 -8.91
N GLY B 120 3.30 -8.42 -8.92
CA GLY B 120 2.61 -7.16 -9.17
C GLY B 120 2.82 -6.16 -8.05
N ARG B 121 2.88 -6.65 -6.81
CA ARG B 121 3.11 -5.80 -5.65
C ARG B 121 4.52 -5.23 -5.67
N MET B 122 5.47 -6.04 -6.11
CA MET B 122 6.86 -5.59 -6.23
C MET B 122 6.97 -4.51 -7.29
N LEU B 123 6.29 -4.71 -8.42
CA LEU B 123 6.33 -3.78 -9.54
C LEU B 123 5.70 -2.44 -9.18
N LEU B 124 4.48 -2.49 -8.66
CA LEU B 124 3.74 -1.28 -8.31
C LEU B 124 4.45 -0.46 -7.24
N THR B 125 4.97 -1.14 -6.22
CA THR B 125 5.73 -0.48 -5.16
C THR B 125 6.93 0.24 -5.76
N SER B 126 7.69 -0.47 -6.59
CA SER B 126 8.85 0.11 -7.26
C SER B 126 8.47 1.32 -8.10
N ILE B 127 7.35 1.23 -8.79
CA ILE B 127 6.85 2.33 -9.62
C ILE B 127 6.53 3.56 -8.78
N VAL B 128 5.80 3.35 -7.68
CA VAL B 128 5.44 4.44 -6.78
C VAL B 128 6.67 5.08 -6.13
N ARG B 129 7.69 4.27 -5.85
CA ARG B 129 8.94 4.76 -5.28
C ARG B 129 9.77 5.54 -6.29
N GLY B 130 9.54 5.27 -7.57
CA GLY B 130 10.35 5.84 -8.64
C GLY B 130 10.03 7.28 -8.99
N ILE B 131 10.09 8.15 -7.98
CA ILE B 131 9.82 9.56 -8.18
C ILE B 131 10.89 10.21 -9.06
N PRO B 132 10.47 10.90 -10.13
CA PRO B 132 11.37 11.58 -11.08
C PRO B 132 12.33 12.53 -10.38
N PHE B 133 13.60 12.48 -10.77
CA PHE B 133 14.65 13.26 -10.11
C PHE B 133 14.48 14.76 -10.32
N TRP B 134 14.95 15.53 -9.36
CA TRP B 134 14.90 16.99 -9.43
C TRP B 134 16.16 17.56 -10.08
N GLY B 135 16.39 17.22 -11.35
CA GLY B 135 17.56 17.72 -12.05
C GLY B 135 17.20 18.83 -13.03
N GLY B 136 16.43 19.79 -12.57
CA GLY B 136 15.97 20.87 -13.42
C GLY B 136 16.62 22.22 -13.13
N SER B 137 17.76 22.18 -12.44
CA SER B 137 18.48 23.41 -12.12
C SER B 137 19.81 23.47 -12.85
N THR B 138 20.17 24.66 -13.31
CA THR B 138 21.44 24.87 -14.00
C THR B 138 22.58 25.01 -13.00
N ILE B 139 22.24 25.36 -11.76
CA ILE B 139 23.22 25.39 -10.68
C ILE B 139 23.34 24.00 -10.07
N ASP B 140 24.55 23.44 -10.10
CA ASP B 140 24.76 22.04 -9.72
C ASP B 140 24.71 21.80 -8.21
N THR B 141 24.48 22.86 -7.44
CA THR B 141 24.37 22.74 -6.00
C THR B 141 22.95 23.04 -5.54
N GLU B 142 22.01 22.98 -6.49
CA GLU B 142 20.64 23.37 -6.22
C GLU B 142 19.66 22.33 -6.76
N LEU B 143 18.75 21.86 -5.91
CA LEU B 143 17.74 20.90 -6.33
C LEU B 143 16.47 21.61 -6.77
N LYS B 144 16.09 21.41 -8.03
CA LYS B 144 14.90 22.04 -8.59
C LYS B 144 14.06 21.02 -9.33
N VAL B 145 12.75 21.08 -9.12
CA VAL B 145 11.81 20.17 -9.78
C VAL B 145 11.74 20.46 -11.27
N ILE B 146 11.35 19.46 -12.05
CA ILE B 146 11.15 19.64 -13.48
C ILE B 146 9.66 19.76 -13.79
N ASP B 147 9.31 20.84 -14.49
CA ASP B 147 7.90 21.19 -14.73
C ASP B 147 7.11 20.12 -15.47
N THR B 148 7.78 19.37 -16.33
CA THR B 148 7.10 18.34 -17.11
C THR B 148 6.78 17.09 -16.28
N ASN B 149 7.27 17.05 -15.05
CA ASN B 149 6.97 15.95 -14.14
C ASN B 149 5.85 16.27 -13.18
N CYS B 150 4.99 17.22 -13.57
CA CYS B 150 3.89 17.66 -12.72
C CYS B 150 2.61 17.86 -13.53
N ILE B 151 1.51 18.07 -12.83
CA ILE B 151 0.25 18.46 -13.46
C ILE B 151 -0.37 19.62 -12.67
N ASN B 152 -1.23 20.39 -13.33
CA ASN B 152 -1.88 21.52 -12.68
C ASN B 152 -3.30 21.20 -12.22
N VAL B 153 -3.46 20.98 -10.92
CA VAL B 153 -4.76 20.64 -10.36
C VAL B 153 -5.59 21.88 -10.09
N ILE B 154 -6.75 21.97 -10.74
CA ILE B 154 -7.65 23.10 -10.55
C ILE B 154 -8.44 22.93 -9.26
N GLN B 155 -8.27 23.89 -8.35
CA GLN B 155 -9.00 23.89 -7.09
C GLN B 155 -10.35 24.60 -7.28
N PRO B 156 -11.36 24.22 -6.47
CA PRO B 156 -12.70 24.80 -6.55
C PRO B 156 -12.74 26.33 -6.43
N ASP B 157 -11.64 26.92 -5.96
CA ASP B 157 -11.57 28.38 -5.86
C ASP B 157 -11.01 29.02 -7.13
N GLY B 158 -10.92 28.22 -8.20
CA GLY B 158 -10.49 28.72 -9.50
C GLY B 158 -8.99 28.95 -9.62
N SER B 159 -8.22 28.39 -8.69
CA SER B 159 -6.78 28.55 -8.71
C SER B 159 -6.06 27.22 -8.91
N TYR B 160 -4.88 27.28 -9.52
CA TYR B 160 -4.08 26.08 -9.78
C TYR B 160 -3.24 25.69 -8.57
N ARG B 161 -2.69 24.49 -8.62
CA ARG B 161 -1.59 24.10 -7.74
C ARG B 161 -0.79 22.97 -8.38
N SER B 162 0.52 23.15 -8.47
CA SER B 162 1.38 22.16 -9.11
C SER B 162 1.54 20.92 -8.23
N GLU B 163 1.31 19.76 -8.81
CA GLU B 163 1.42 18.50 -8.08
C GLU B 163 2.26 17.49 -8.85
N GLU B 164 3.30 16.97 -8.20
CA GLU B 164 4.17 15.98 -8.80
C GLU B 164 3.45 14.64 -8.92
N LEU B 165 3.85 13.85 -9.91
CA LEU B 165 3.26 12.53 -10.12
C LEU B 165 4.19 11.65 -10.95
N ASN B 166 3.99 10.34 -10.86
CA ASN B 166 4.86 9.38 -11.54
C ASN B 166 4.23 8.77 -12.78
N LEU B 167 2.93 8.55 -12.73
CA LEU B 167 2.25 7.78 -13.76
C LEU B 167 0.84 8.30 -14.05
N VAL B 168 0.48 8.31 -15.33
CA VAL B 168 -0.87 8.67 -15.74
C VAL B 168 -1.44 7.62 -16.68
N ILE B 169 -2.59 7.07 -16.32
CA ILE B 169 -3.30 6.16 -17.21
C ILE B 169 -4.35 6.94 -18.00
N ILE B 170 -4.22 6.94 -19.32
CA ILE B 170 -5.13 7.68 -20.18
C ILE B 170 -5.56 6.82 -21.38
N GLY B 171 -6.74 7.09 -21.93
CA GLY B 171 -7.24 6.36 -23.07
C GLY B 171 -6.40 6.57 -24.31
N PRO B 172 -6.53 5.68 -25.29
CA PRO B 172 -5.72 5.73 -26.52
C PRO B 172 -6.11 6.90 -27.42
N SER B 173 -5.29 7.14 -28.45
CA SER B 173 -5.58 8.19 -29.42
C SER B 173 -6.48 7.66 -30.53
N ALA B 174 -6.10 7.93 -31.77
CA ALA B 174 -6.85 7.48 -32.94
C ALA B 174 -6.91 5.96 -33.00
N ASP B 175 -5.73 5.34 -33.07
CA ASP B 175 -5.63 3.88 -33.05
C ASP B 175 -5.84 3.37 -31.63
N ILE B 176 -6.96 2.70 -31.41
CA ILE B 176 -7.37 2.31 -30.06
C ILE B 176 -6.51 1.20 -29.46
N ILE B 177 -6.19 0.19 -30.27
CA ILE B 177 -5.47 -0.97 -29.77
C ILE B 177 -3.98 -0.67 -29.53
N GLN B 178 -3.47 0.37 -30.18
CA GLN B 178 -2.06 0.71 -30.09
C GLN B 178 -1.69 1.31 -28.73
N PHE B 179 -1.31 0.45 -27.79
CA PHE B 179 -0.93 0.88 -26.46
C PHE B 179 0.56 1.23 -26.42
N GLU B 180 0.92 2.21 -25.61
CA GLU B 180 2.32 2.60 -25.46
C GLU B 180 2.57 3.37 -24.17
N CYS B 181 3.83 3.40 -23.75
CA CYS B 181 4.25 4.18 -22.60
C CYS B 181 5.24 5.25 -23.04
N LYS B 182 4.82 6.50 -22.98
CA LYS B 182 5.67 7.61 -23.41
C LYS B 182 5.66 8.75 -22.39
N SER B 183 6.60 9.68 -22.55
CA SER B 183 6.76 10.78 -21.60
C SER B 183 7.32 12.02 -22.28
N PHE B 184 7.12 13.17 -21.64
CA PHE B 184 7.65 14.42 -22.14
C PHE B 184 9.16 14.47 -21.93
N GLY B 185 9.88 14.87 -22.97
CA GLY B 185 11.33 14.89 -22.93
C GLY B 185 11.91 16.21 -22.46
N HIS B 186 13.23 16.26 -22.38
CA HIS B 186 13.93 17.48 -22.00
C HIS B 186 14.79 17.96 -23.16
N GLU B 187 15.05 19.27 -23.22
CA GLU B 187 15.81 19.84 -24.32
C GLU B 187 17.25 19.35 -24.34
N VAL B 188 17.81 19.12 -23.15
CA VAL B 188 19.20 18.70 -23.03
C VAL B 188 19.31 17.31 -22.43
N LEU B 189 18.55 17.06 -21.37
CA LEU B 189 18.64 15.81 -20.62
C LEU B 189 17.83 14.69 -21.28
N ASN B 190 18.33 13.46 -21.12
CA ASN B 190 17.59 12.28 -21.53
C ASN B 190 17.02 11.58 -20.32
N LEU B 191 15.90 12.12 -19.82
CA LEU B 191 15.31 11.69 -18.55
C LEU B 191 15.05 10.19 -18.44
N THR B 192 14.72 9.56 -19.57
CA THR B 192 14.41 8.13 -19.56
C THR B 192 15.67 7.27 -19.76
N ARG B 193 16.81 7.91 -19.96
CA ARG B 193 18.05 7.19 -20.22
C ARG B 193 19.25 7.68 -19.41
N ASN B 194 19.01 8.57 -18.46
CA ASN B 194 20.11 9.08 -17.63
C ASN B 194 19.90 8.81 -16.14
N GLY B 195 18.94 7.95 -15.82
CA GLY B 195 18.68 7.56 -14.45
C GLY B 195 17.78 8.52 -13.69
N TYR B 196 17.48 9.66 -14.29
CA TYR B 196 16.63 10.66 -13.65
C TYR B 196 15.19 10.17 -13.55
N GLY B 197 14.64 9.77 -14.70
CA GLY B 197 13.26 9.34 -14.76
C GLY B 197 12.35 10.51 -15.08
N SER B 198 11.12 10.21 -15.48
CA SER B 198 10.14 11.24 -15.78
C SER B 198 8.71 10.70 -15.69
N THR B 199 7.74 11.59 -15.54
CA THR B 199 6.34 11.20 -15.46
C THR B 199 5.91 10.47 -16.72
N GLN B 200 5.42 9.24 -16.56
CA GLN B 200 5.07 8.40 -17.69
C GLN B 200 3.57 8.42 -17.99
N TYR B 201 3.25 8.52 -19.28
CA TYR B 201 1.85 8.50 -19.73
C TYR B 201 1.56 7.23 -20.51
N ILE B 202 0.71 6.38 -19.92
CA ILE B 202 0.35 5.12 -20.56
C ILE B 202 -0.97 5.20 -21.32
N ARG B 203 -0.91 5.01 -22.63
CA ARG B 203 -2.11 4.90 -23.44
C ARG B 203 -2.63 3.47 -23.35
N PHE B 204 -3.79 3.30 -22.75
CA PHE B 204 -4.34 1.96 -22.53
C PHE B 204 -5.87 1.96 -22.50
N SER B 205 -6.46 0.84 -22.85
CA SER B 205 -7.90 0.65 -22.77
C SER B 205 -8.24 -0.75 -22.27
N PRO B 206 -9.06 -0.82 -21.21
CA PRO B 206 -9.53 -2.10 -20.66
C PRO B 206 -10.74 -2.62 -21.44
N ASP B 207 -11.22 -1.82 -22.38
CA ASP B 207 -12.43 -2.16 -23.13
C ASP B 207 -12.12 -2.95 -24.40
N PHE B 208 -10.85 -3.15 -24.68
CA PHE B 208 -10.42 -3.87 -25.87
C PHE B 208 -9.28 -4.83 -25.58
N THR B 209 -9.15 -5.85 -26.41
CA THR B 209 -8.01 -6.77 -26.33
C THR B 209 -7.73 -7.37 -27.71
N PHE B 210 -6.59 -8.04 -27.83
CA PHE B 210 -6.19 -8.62 -29.11
C PHE B 210 -5.99 -10.13 -28.97
N GLY B 211 -6.10 -10.84 -30.08
CA GLY B 211 -6.01 -12.28 -30.06
C GLY B 211 -4.67 -12.82 -30.49
N PHE B 212 -4.42 -14.09 -30.14
CA PHE B 212 -3.23 -14.80 -30.59
C PHE B 212 -3.60 -16.25 -30.89
N GLU B 213 -2.62 -17.03 -31.32
CA GLU B 213 -2.88 -18.38 -31.78
C GLU B 213 -1.93 -19.40 -31.16
N GLU B 214 -2.48 -20.50 -30.67
CA GLU B 214 -1.69 -21.57 -30.07
C GLU B 214 -1.28 -22.60 -31.13
N SER B 215 -0.21 -23.33 -30.86
CA SER B 215 0.26 -24.37 -31.78
C SER B 215 -0.77 -25.49 -31.92
N GLY B 225 -4.52 -26.58 -27.90
CA GLY B 225 -4.32 -27.35 -29.11
C GLY B 225 -4.83 -26.65 -30.34
N ALA B 226 -4.00 -25.76 -30.89
CA ALA B 226 -4.33 -24.99 -32.10
C ALA B 226 -5.61 -24.17 -31.93
N GLY B 227 -5.89 -23.73 -30.71
CA GLY B 227 -7.09 -22.96 -30.44
C GLY B 227 -6.89 -21.48 -30.65
N LYS B 228 -8.00 -20.74 -30.77
CA LYS B 228 -7.97 -19.31 -30.94
C LYS B 228 -8.26 -18.61 -29.61
N PHE B 229 -7.28 -17.86 -29.12
CA PHE B 229 -7.39 -17.27 -27.78
C PHE B 229 -7.31 -15.74 -27.78
N ALA B 230 -7.59 -15.16 -26.62
CA ALA B 230 -7.52 -13.72 -26.45
C ALA B 230 -6.57 -13.35 -25.31
N THR B 231 -5.86 -12.25 -25.46
CA THR B 231 -4.89 -11.81 -24.47
C THR B 231 -5.56 -11.22 -23.23
N ASP B 232 -5.13 -11.65 -22.05
CA ASP B 232 -5.62 -11.10 -20.80
C ASP B 232 -5.16 -9.65 -20.69
N PRO B 233 -6.12 -8.73 -20.53
CA PRO B 233 -5.83 -7.29 -20.48
C PRO B 233 -4.96 -6.90 -19.28
N ALA B 234 -5.01 -7.68 -18.21
CA ALA B 234 -4.17 -7.42 -17.04
C ALA B 234 -2.70 -7.65 -17.39
N VAL B 235 -2.45 -8.63 -18.25
CA VAL B 235 -1.11 -8.92 -18.73
C VAL B 235 -0.59 -7.76 -19.57
N THR B 236 -1.45 -7.25 -20.45
CA THR B 236 -1.08 -6.14 -21.33
C THR B 236 -0.78 -4.87 -20.52
N LEU B 237 -1.61 -4.61 -19.51
CA LEU B 237 -1.39 -3.46 -18.63
C LEU B 237 -0.05 -3.59 -17.90
N ALA B 238 0.27 -4.81 -17.49
CA ALA B 238 1.54 -5.09 -16.82
C ALA B 238 2.71 -4.81 -17.74
N HIS B 239 2.53 -5.11 -19.03
CA HIS B 239 3.55 -4.86 -20.04
C HIS B 239 3.87 -3.37 -20.11
N GLU B 240 2.84 -2.54 -20.05
CA GLU B 240 3.01 -1.10 -20.09
C GLU B 240 3.60 -0.57 -18.79
N LEU B 241 3.22 -1.19 -17.67
CA LEU B 241 3.77 -0.82 -16.36
C LEU B 241 5.26 -1.12 -16.30
N ILE B 242 5.67 -2.21 -16.94
CA ILE B 242 7.08 -2.59 -16.99
C ILE B 242 7.89 -1.55 -17.76
N HIS B 243 7.32 -1.05 -18.86
CA HIS B 243 7.92 0.05 -19.60
C HIS B 243 8.09 1.26 -18.68
N ALA B 244 7.06 1.55 -17.91
CA ALA B 244 7.07 2.68 -16.99
C ALA B 244 8.15 2.53 -15.92
N GLY B 245 8.35 1.29 -15.47
CA GLY B 245 9.38 1.01 -14.47
C GLY B 245 10.77 1.33 -15.00
N HIS B 246 11.04 0.92 -16.23
CA HIS B 246 12.32 1.18 -16.87
C HIS B 246 12.54 2.69 -17.02
N ARG B 247 11.48 3.39 -17.39
CA ARG B 247 11.57 4.81 -17.73
C ARG B 247 11.55 5.72 -16.51
N LEU B 248 10.90 5.28 -15.44
CA LEU B 248 10.85 6.06 -14.20
C LEU B 248 12.19 6.04 -13.48
N TYR B 249 13.01 5.03 -13.77
CA TYR B 249 14.34 4.93 -13.18
C TYR B 249 15.41 5.29 -14.21
N GLY B 250 14.97 5.75 -15.36
CA GLY B 250 15.87 6.24 -16.39
C GLY B 250 16.84 5.20 -16.92
N ILE B 251 16.37 3.97 -17.08
CA ILE B 251 17.20 2.90 -17.61
C ILE B 251 16.60 2.27 -18.87
N ALA B 252 15.75 3.04 -19.56
CA ALA B 252 15.13 2.57 -20.79
C ALA B 252 16.14 2.52 -21.93
N ILE B 253 15.97 1.55 -22.82
CA ILE B 253 16.84 1.42 -23.98
C ILE B 253 16.33 2.29 -25.12
N ASN B 254 17.25 2.97 -25.78
CA ASN B 254 16.93 3.85 -26.91
C ASN B 254 16.12 3.12 -27.98
N PRO B 255 14.94 3.67 -28.33
CA PRO B 255 14.01 3.08 -29.31
C PRO B 255 14.66 2.78 -30.66
N ASN B 256 15.79 3.42 -30.97
CA ASN B 256 16.48 3.18 -32.23
C ASN B 256 17.24 1.87 -32.22
N ARG B 257 17.46 1.31 -31.04
CA ARG B 257 18.10 0.01 -30.91
C ARG B 257 17.15 -1.11 -31.32
N VAL B 258 17.44 -1.74 -32.45
CA VAL B 258 16.58 -2.79 -32.99
C VAL B 258 17.37 -4.06 -33.30
N GLU B 273 11.07 -6.01 -37.48
CA GLU B 273 11.92 -5.14 -36.69
C GLU B 273 11.30 -4.83 -35.33
N VAL B 274 11.93 -5.33 -34.27
CA VAL B 274 11.46 -5.10 -32.92
C VAL B 274 12.58 -4.54 -32.03
N SER B 275 12.27 -3.48 -31.28
CA SER B 275 13.26 -2.83 -30.44
C SER B 275 13.68 -3.71 -29.26
N PHE B 276 14.88 -3.45 -28.75
CA PHE B 276 15.41 -4.18 -27.60
C PHE B 276 14.55 -3.94 -26.36
N GLU B 277 13.94 -2.77 -26.29
CA GLU B 277 13.09 -2.40 -25.16
C GLU B 277 11.86 -3.30 -25.07
N GLU B 278 11.26 -3.60 -26.23
CA GLU B 278 10.10 -4.48 -26.27
C GLU B 278 10.47 -5.92 -25.97
N LEU B 279 11.61 -6.35 -26.50
CA LEU B 279 12.11 -7.70 -26.24
C LEU B 279 12.41 -7.90 -24.76
N ARG B 280 13.01 -6.90 -24.15
CA ARG B 280 13.32 -6.91 -22.73
C ARG B 280 12.03 -6.95 -21.89
N THR B 281 11.07 -6.11 -22.26
CA THR B 281 9.81 -6.01 -21.53
C THR B 281 9.01 -7.30 -21.59
N PHE B 282 9.00 -7.94 -22.75
CA PHE B 282 8.26 -9.17 -22.94
C PHE B 282 8.89 -10.33 -22.18
N GLY B 283 10.20 -10.48 -22.31
CA GLY B 283 10.93 -11.50 -21.59
C GLY B 283 10.90 -12.86 -22.26
N GLY B 284 11.05 -13.91 -21.47
CA GLY B 284 11.05 -15.27 -21.98
C GLY B 284 12.28 -15.58 -22.81
N HIS B 285 12.16 -16.56 -23.70
CA HIS B 285 13.24 -16.94 -24.59
C HIS B 285 13.41 -15.89 -25.69
N ASP B 286 12.41 -15.00 -25.79
CA ASP B 286 12.43 -13.93 -26.76
C ASP B 286 13.49 -12.90 -26.39
N ALA B 287 13.65 -12.68 -25.09
CA ALA B 287 14.61 -11.69 -24.58
C ALA B 287 16.02 -12.24 -24.53
N LYS B 288 16.16 -13.56 -24.65
CA LYS B 288 17.47 -14.20 -24.62
C LYS B 288 18.24 -13.95 -25.91
N PHE B 289 17.55 -13.46 -26.93
CA PHE B 289 18.17 -13.12 -28.20
C PHE B 289 19.03 -11.86 -28.07
N ILE B 290 18.76 -11.07 -27.05
CA ILE B 290 19.61 -9.93 -26.72
C ILE B 290 20.93 -10.45 -26.17
N ASP B 291 22.00 -10.25 -26.93
CA ASP B 291 23.31 -10.77 -26.57
C ASP B 291 23.80 -10.24 -25.22
N SER B 292 24.43 -11.12 -24.45
CA SER B 292 24.94 -10.76 -23.13
C SER B 292 26.19 -9.89 -23.23
N LEU B 293 26.68 -9.71 -24.44
CA LEU B 293 27.85 -8.88 -24.68
C LEU B 293 27.46 -7.41 -24.79
N GLN B 294 26.19 -7.13 -24.50
CA GLN B 294 25.68 -5.76 -24.54
C GLN B 294 24.80 -5.51 -23.33
N GLU B 295 24.28 -6.59 -22.73
CA GLU B 295 23.49 -6.49 -21.52
C GLU B 295 24.34 -5.94 -20.38
N ASN B 296 25.62 -6.34 -20.37
CA ASN B 296 26.56 -5.84 -19.37
C ASN B 296 26.98 -4.40 -19.64
N GLU B 297 26.86 -3.99 -20.90
CA GLU B 297 27.24 -2.64 -21.29
C GLU B 297 26.21 -1.64 -20.75
N PHE B 298 24.95 -2.04 -20.77
CA PHE B 298 23.88 -1.21 -20.21
C PHE B 298 23.99 -1.13 -18.69
N ARG B 299 24.26 -2.27 -18.07
CA ARG B 299 24.32 -2.35 -16.60
C ARG B 299 25.44 -1.49 -16.03
N LEU B 300 26.62 -1.56 -16.63
CA LEU B 300 27.75 -0.74 -16.21
C LEU B 300 27.46 0.73 -16.43
N TYR B 301 26.84 1.02 -17.57
CA TYR B 301 26.52 2.39 -17.97
C TYR B 301 25.60 3.08 -16.96
N TYR B 302 24.50 2.42 -16.63
CA TYR B 302 23.53 2.99 -15.70
C TYR B 302 24.01 2.92 -14.25
N TYR B 303 24.98 2.05 -14.00
CA TYR B 303 25.61 1.98 -12.68
C TYR B 303 26.44 3.24 -12.43
N ASN B 304 26.99 3.78 -13.52
CA ASN B 304 27.74 5.03 -13.45
C ASN B 304 26.82 6.24 -13.42
N LYS B 305 25.68 6.13 -14.11
CA LYS B 305 24.68 7.19 -14.12
C LYS B 305 24.09 7.36 -12.72
N PHE B 306 23.92 6.25 -12.01
CA PHE B 306 23.42 6.29 -10.64
C PHE B 306 24.44 6.94 -9.70
N LYS B 307 25.71 6.73 -10.01
CA LYS B 307 26.79 7.34 -9.23
C LYS B 307 26.77 8.86 -9.38
N ASP B 308 26.42 9.32 -10.57
CA ASP B 308 26.31 10.74 -10.85
C ASP B 308 25.21 11.37 -10.01
N ILE B 309 24.09 10.66 -9.90
CA ILE B 309 22.96 11.11 -9.09
C ILE B 309 23.35 11.20 -7.62
N ALA B 310 24.12 10.21 -7.17
CA ALA B 310 24.60 10.19 -5.78
C ALA B 310 25.48 11.39 -5.47
N SER B 311 26.36 11.73 -6.41
CA SER B 311 27.25 12.88 -6.26
C SER B 311 26.49 14.19 -6.33
N THR B 312 25.47 14.23 -7.19
CA THR B 312 24.64 15.41 -7.34
C THR B 312 23.90 15.71 -6.04
N LEU B 313 23.44 14.66 -5.36
CA LEU B 313 22.77 14.81 -4.08
C LEU B 313 23.74 15.29 -3.00
N ASN B 314 24.99 14.84 -3.10
CA ASN B 314 26.02 15.24 -2.13
C ASN B 314 26.41 16.70 -2.25
N LYS B 315 26.39 17.22 -3.47
CA LYS B 315 26.76 18.61 -3.72
C LYS B 315 25.59 19.57 -3.50
N ALA B 316 24.42 18.99 -3.25
CA ALA B 316 23.22 19.79 -3.01
C ALA B 316 23.31 20.56 -1.70
N LYS B 317 23.07 21.87 -1.76
CA LYS B 317 23.12 22.71 -0.57
C LYS B 317 21.87 23.58 -0.44
N SER B 318 21.08 23.65 -1.52
CA SER B 318 19.86 24.43 -1.51
C SER B 318 18.78 23.75 -2.34
N ILE B 319 17.54 24.26 -2.23
CA ILE B 319 16.42 23.67 -2.96
C ILE B 319 15.40 24.73 -3.38
N VAL B 320 14.98 24.66 -4.65
CA VAL B 320 13.99 25.60 -5.18
C VAL B 320 12.58 25.17 -4.79
N GLY B 321 11.80 26.12 -4.28
CA GLY B 321 10.44 25.83 -3.88
C GLY B 321 10.09 26.47 -2.55
N THR B 322 8.83 26.88 -2.41
CA THR B 322 8.38 27.57 -1.21
C THR B 322 7.98 26.60 -0.10
N THR B 323 7.95 25.31 -0.42
CA THR B 323 7.46 24.31 0.54
C THR B 323 8.45 23.19 0.84
N ALA B 324 8.62 22.29 -0.12
CA ALA B 324 9.42 21.07 0.07
C ALA B 324 10.84 21.35 0.54
N SER B 325 11.27 20.64 1.58
CA SER B 325 12.58 20.84 2.16
C SER B 325 13.65 20.00 1.46
N LEU B 326 14.91 20.38 1.66
CA LEU B 326 16.03 19.71 1.02
C LEU B 326 16.27 18.31 1.58
N GLN B 327 16.26 18.20 2.91
CA GLN B 327 16.53 16.93 3.58
C GLN B 327 15.46 15.89 3.28
N TYR B 328 14.25 16.33 2.99
CA TYR B 328 13.17 15.41 2.65
C TYR B 328 13.42 14.83 1.26
N MET B 329 13.77 15.69 0.31
CA MET B 329 14.00 15.26 -1.07
C MET B 329 15.29 14.46 -1.20
N LYS B 330 16.27 14.76 -0.36
CA LYS B 330 17.49 13.97 -0.32
C LYS B 330 17.19 12.54 0.12
N ASN B 331 16.30 12.40 1.09
CA ASN B 331 15.91 11.09 1.58
C ASN B 331 14.99 10.33 0.64
N VAL B 332 14.17 11.06 -0.10
CA VAL B 332 13.28 10.45 -1.09
C VAL B 332 14.08 9.72 -2.16
N PHE B 333 15.14 10.37 -2.64
CA PHE B 333 15.98 9.79 -3.69
C PHE B 333 17.00 8.80 -3.14
N LYS B 334 17.26 8.87 -1.84
CA LYS B 334 18.07 7.85 -1.19
C LYS B 334 17.27 6.56 -1.17
N GLU B 335 15.98 6.70 -0.87
CA GLU B 335 15.06 5.56 -0.85
C GLU B 335 14.85 5.01 -2.26
N LYS B 336 14.77 5.89 -3.24
CA LYS B 336 14.50 5.49 -4.61
C LYS B 336 15.60 4.62 -5.21
N TYR B 337 16.83 5.12 -5.17
CA TYR B 337 17.95 4.43 -5.81
C TYR B 337 18.68 3.49 -4.85
N LEU B 338 18.14 3.34 -3.64
CA LEU B 338 18.71 2.47 -2.62
C LEU B 338 20.18 2.81 -2.34
N LEU B 339 20.45 4.09 -2.17
CA LEU B 339 21.82 4.56 -1.95
C LEU B 339 22.27 4.31 -0.52
N SER B 340 23.57 4.13 -0.33
CA SER B 340 24.14 3.98 1.00
C SER B 340 24.50 5.35 1.57
N GLU B 341 24.65 5.40 2.89
CA GLU B 341 25.00 6.64 3.57
C GLU B 341 25.97 6.37 4.71
N ASP B 342 27.14 7.00 4.67
CA ASP B 342 28.14 6.81 5.71
C ASP B 342 27.89 7.68 6.93
N THR B 343 28.85 7.70 7.86
CA THR B 343 28.71 8.41 9.12
C THR B 343 28.57 9.92 8.91
N SER B 344 29.28 10.44 7.90
CA SER B 344 29.26 11.87 7.62
C SER B 344 27.99 12.31 6.90
N GLY B 345 27.29 11.35 6.30
CA GLY B 345 26.07 11.64 5.59
C GLY B 345 26.26 11.75 4.10
N LYS B 346 27.34 11.15 3.60
CA LYS B 346 27.61 11.13 2.16
C LYS B 346 26.91 9.96 1.48
N PHE B 347 26.30 10.22 0.34
CA PHE B 347 25.59 9.18 -0.40
C PHE B 347 26.51 8.47 -1.39
N SER B 348 26.23 7.18 -1.62
CA SER B 348 26.99 6.39 -2.57
C SER B 348 26.13 5.27 -3.13
N VAL B 349 26.61 4.62 -4.18
CA VAL B 349 25.86 3.54 -4.81
C VAL B 349 26.43 2.18 -4.44
N ASP B 350 25.62 1.36 -3.76
CA ASP B 350 26.04 0.02 -3.39
C ASP B 350 25.95 -0.91 -4.60
N LYS B 351 27.04 -1.64 -4.86
CA LYS B 351 27.12 -2.56 -5.98
C LYS B 351 26.03 -3.62 -5.95
N LEU B 352 25.87 -4.27 -4.80
CA LEU B 352 24.89 -5.34 -4.65
C LEU B 352 23.47 -4.83 -4.72
N LYS B 353 23.22 -3.66 -4.13
CA LYS B 353 21.89 -3.07 -4.13
C LYS B 353 21.51 -2.57 -5.52
N PHE B 354 22.51 -2.24 -6.33
CA PHE B 354 22.24 -1.81 -7.69
C PHE B 354 21.83 -2.99 -8.56
N ASP B 355 22.62 -4.07 -8.49
CA ASP B 355 22.29 -5.30 -9.21
C ASP B 355 20.92 -5.81 -8.80
N LYS B 356 20.60 -5.65 -7.52
CA LYS B 356 19.30 -6.03 -6.99
C LYS B 356 18.20 -5.25 -7.69
N LEU B 357 18.37 -3.93 -7.74
CA LEU B 357 17.38 -3.04 -8.34
C LEU B 357 17.34 -3.17 -9.85
N TYR B 358 18.51 -3.30 -10.47
CA TYR B 358 18.60 -3.34 -11.93
C TYR B 358 18.04 -4.64 -12.52
N LYS B 359 18.45 -5.77 -11.96
CA LYS B 359 17.96 -7.07 -12.42
C LYS B 359 16.45 -7.19 -12.21
N MET B 360 15.94 -6.54 -11.17
CA MET B 360 14.53 -6.59 -10.84
C MET B 360 13.70 -5.91 -11.93
N LEU B 361 14.15 -4.74 -12.37
CA LEU B 361 13.41 -3.97 -13.36
C LEU B 361 13.53 -4.53 -14.77
N THR B 362 14.65 -5.19 -15.06
CA THR B 362 14.93 -5.64 -16.42
C THR B 362 14.67 -7.12 -16.65
N GLU B 363 15.05 -7.96 -15.69
CA GLU B 363 14.93 -9.41 -15.86
C GLU B 363 13.73 -10.01 -15.13
N ILE B 364 13.43 -9.50 -13.95
CA ILE B 364 12.35 -10.05 -13.14
C ILE B 364 10.98 -9.55 -13.60
N TYR B 365 10.83 -8.23 -13.71
CA TYR B 365 9.58 -7.64 -14.17
C TYR B 365 9.44 -7.82 -15.68
N THR B 366 8.89 -8.95 -16.10
CA THR B 366 8.66 -9.21 -17.52
C THR B 366 7.22 -9.69 -17.75
N GLU B 367 6.73 -9.48 -18.96
CA GLU B 367 5.39 -9.93 -19.33
C GLU B 367 5.29 -11.44 -19.20
N ASP B 368 6.35 -12.13 -19.61
CA ASP B 368 6.40 -13.59 -19.55
C ASP B 368 6.25 -14.11 -18.13
N ASN B 369 6.88 -13.44 -17.17
CA ASN B 369 6.79 -13.84 -15.77
C ASN B 369 5.42 -13.56 -15.16
N PHE B 370 4.79 -12.49 -15.61
CA PHE B 370 3.44 -12.16 -15.15
C PHE B 370 2.43 -13.21 -15.62
N VAL B 371 2.71 -13.81 -16.78
CA VAL B 371 1.87 -14.89 -17.31
C VAL B 371 1.86 -16.07 -16.36
N LYS B 372 3.03 -16.43 -15.87
CA LYS B 372 3.17 -17.54 -14.91
C LYS B 372 2.44 -17.25 -13.61
N PHE B 373 2.52 -16.01 -13.15
CA PHE B 373 1.88 -15.60 -11.89
C PHE B 373 0.36 -15.56 -12.02
N PHE B 374 -0.13 -15.05 -13.15
CA PHE B 374 -1.56 -15.00 -13.42
C PHE B 374 -2.09 -16.38 -13.78
N LYS B 375 -1.18 -17.28 -14.14
CA LYS B 375 -1.53 -18.62 -14.61
C LYS B 375 -2.53 -18.57 -15.75
N VAL B 376 -2.21 -17.76 -16.77
CA VAL B 376 -3.04 -17.63 -17.94
C VAL B 376 -2.28 -18.07 -19.19
N LEU B 377 -2.96 -18.08 -20.33
CA LEU B 377 -2.32 -18.41 -21.58
C LEU B 377 -1.89 -17.13 -22.29
N ASN B 378 -0.78 -17.20 -23.01
CA ASN B 378 -0.25 -16.03 -23.71
C ASN B 378 0.57 -16.45 -24.91
N ARG B 379 0.78 -15.52 -25.85
CA ARG B 379 1.62 -15.80 -27.00
C ARG B 379 3.06 -15.99 -26.55
N LYS B 380 3.78 -16.88 -27.23
CA LYS B 380 5.13 -17.25 -26.81
C LYS B 380 6.16 -16.19 -27.12
N THR B 381 6.04 -15.53 -28.26
CA THR B 381 6.94 -14.44 -28.62
C THR B 381 6.19 -13.13 -28.83
N TYR B 382 6.93 -12.03 -28.80
CA TYR B 382 6.34 -10.69 -28.85
C TYR B 382 5.54 -10.44 -30.13
N LEU B 383 6.06 -10.88 -31.27
CA LEU B 383 5.43 -10.60 -32.56
C LEU B 383 4.41 -11.66 -32.97
N ASN B 384 4.33 -12.74 -32.21
CA ASN B 384 3.44 -13.85 -32.55
C ASN B 384 1.98 -13.57 -32.22
N PHE B 385 1.35 -12.68 -32.99
CA PHE B 385 -0.05 -12.36 -32.78
C PHE B 385 -0.77 -12.02 -34.10
N ASP B 386 -1.98 -12.53 -34.25
CA ASP B 386 -2.80 -12.22 -35.42
C ASP B 386 -3.46 -10.85 -35.27
N LYS B 387 -4.14 -10.41 -36.33
CA LYS B 387 -4.74 -9.08 -36.33
C LYS B 387 -6.14 -9.05 -35.72
N ALA B 388 -6.51 -10.13 -35.05
CA ALA B 388 -7.82 -10.22 -34.41
C ALA B 388 -7.94 -9.28 -33.22
N VAL B 389 -8.90 -8.36 -33.29
CA VAL B 389 -9.17 -7.43 -32.20
C VAL B 389 -10.58 -7.64 -31.68
N PHE B 390 -10.73 -7.73 -30.36
CA PHE B 390 -12.02 -8.03 -29.76
C PHE B 390 -12.51 -6.94 -28.81
N LYS B 391 -13.82 -6.82 -28.70
CA LYS B 391 -14.45 -5.92 -27.75
C LYS B 391 -14.80 -6.70 -26.50
N ILE B 392 -14.45 -6.17 -25.34
CA ILE B 392 -14.67 -6.87 -24.08
C ILE B 392 -15.29 -5.97 -23.02
N ASN B 393 -15.71 -6.59 -21.91
CA ASN B 393 -16.17 -5.85 -20.74
C ASN B 393 -15.84 -6.62 -19.46
N ILE B 394 -14.77 -6.21 -18.80
CA ILE B 394 -14.26 -6.93 -17.63
C ILE B 394 -14.84 -6.43 -16.32
N VAL B 395 -15.68 -5.41 -16.39
CA VAL B 395 -16.27 -4.83 -15.18
C VAL B 395 -17.21 -5.79 -14.43
N PRO B 396 -18.20 -6.41 -15.12
CA PRO B 396 -19.03 -7.36 -14.39
C PRO B 396 -18.23 -8.60 -13.97
N LYS B 397 -18.45 -9.06 -12.73
CA LYS B 397 -17.67 -10.17 -12.19
C LYS B 397 -18.10 -11.53 -12.74
N VAL B 398 -19.21 -11.57 -13.47
CA VAL B 398 -19.62 -12.80 -14.14
C VAL B 398 -18.83 -12.95 -15.44
N ASN B 399 -18.19 -11.88 -15.86
CA ASN B 399 -17.38 -11.88 -17.07
C ASN B 399 -15.90 -12.06 -16.77
N TYR B 400 -15.45 -11.45 -15.68
CA TYR B 400 -14.03 -11.32 -15.40
C TYR B 400 -13.83 -10.99 -13.92
N THR B 401 -12.98 -11.76 -13.25
CA THR B 401 -12.71 -11.50 -11.83
C THR B 401 -11.26 -11.10 -11.59
N ILE B 402 -11.02 -10.52 -10.42
CA ILE B 402 -9.69 -10.08 -10.02
C ILE B 402 -8.73 -11.26 -9.89
N TYR B 403 -9.21 -12.36 -9.31
CA TYR B 403 -8.36 -13.51 -9.06
C TYR B 403 -8.14 -14.42 -10.28
N ASP B 404 -9.20 -14.65 -11.05
CA ASP B 404 -9.14 -15.65 -12.12
C ASP B 404 -9.11 -15.05 -13.53
N GLY B 405 -9.44 -13.77 -13.65
CA GLY B 405 -9.53 -13.14 -14.96
C GLY B 405 -10.72 -13.69 -15.73
N PHE B 406 -10.49 -14.16 -16.94
CA PHE B 406 -11.54 -14.74 -17.76
C PHE B 406 -11.83 -16.19 -17.39
N ASN B 407 -10.83 -16.86 -16.80
CA ASN B 407 -10.93 -18.27 -16.47
C ASN B 407 -11.56 -18.51 -15.09
N LEU B 408 -12.85 -18.22 -14.98
CA LEU B 408 -13.57 -18.25 -13.71
C LEU B 408 -13.53 -19.63 -13.05
N ARG B 409 -13.13 -19.67 -11.78
CA ARG B 409 -13.10 -20.91 -11.02
C ARG B 409 -14.52 -21.43 -10.81
N ASN B 410 -14.63 -22.75 -10.63
CA ASN B 410 -15.91 -23.42 -10.46
C ASN B 410 -16.88 -23.16 -11.62
N THR B 411 -16.31 -22.99 -12.81
CA THR B 411 -17.09 -22.89 -14.05
C THR B 411 -16.44 -23.79 -15.07
N ASN B 412 -17.09 -23.96 -16.22
CA ASN B 412 -16.51 -24.73 -17.32
C ASN B 412 -15.43 -23.93 -18.05
N LEU B 413 -15.19 -22.71 -17.60
CA LEU B 413 -14.15 -21.85 -18.15
C LEU B 413 -12.90 -21.90 -17.28
N ALA B 414 -12.96 -22.67 -16.20
CA ALA B 414 -11.86 -22.77 -15.24
C ALA B 414 -10.68 -23.54 -15.79
N ALA B 415 -10.95 -24.52 -16.65
CA ALA B 415 -9.91 -25.42 -17.15
C ALA B 415 -9.56 -25.16 -18.60
N ASN B 416 -8.34 -25.55 -18.98
CA ASN B 416 -7.85 -25.43 -20.35
C ASN B 416 -7.93 -24.02 -20.94
N PHE B 417 -7.93 -23.02 -20.06
CA PHE B 417 -8.03 -21.61 -20.45
C PHE B 417 -9.24 -21.34 -21.34
N ASN B 418 -10.35 -22.00 -21.05
CA ASN B 418 -11.58 -21.83 -21.82
C ASN B 418 -12.12 -20.40 -21.78
N GLY B 419 -11.83 -19.70 -20.69
CA GLY B 419 -12.26 -18.32 -20.53
C GLY B 419 -11.60 -17.40 -21.54
N GLN B 420 -10.40 -17.75 -21.98
CA GLN B 420 -9.66 -16.95 -22.94
C GLN B 420 -9.94 -17.41 -24.37
N ASN B 421 -10.52 -18.60 -24.50
CA ASN B 421 -10.87 -19.14 -25.81
C ASN B 421 -12.00 -18.32 -26.44
N THR B 422 -11.71 -17.73 -27.60
CA THR B 422 -12.67 -16.86 -28.27
C THR B 422 -13.80 -17.64 -28.94
N GLU B 423 -13.64 -18.96 -29.02
CA GLU B 423 -14.67 -19.84 -29.56
C GLU B 423 -15.62 -20.27 -28.46
N ILE B 424 -15.04 -20.80 -27.38
CA ILE B 424 -15.82 -21.34 -26.27
C ILE B 424 -16.49 -20.24 -25.44
N ASN B 425 -15.73 -19.19 -25.13
CA ASN B 425 -16.26 -18.06 -24.37
C ASN B 425 -16.57 -16.89 -25.27
N ASN B 426 -17.24 -17.17 -26.39
CA ASN B 426 -17.49 -16.15 -27.41
C ASN B 426 -18.34 -14.97 -26.95
N MET B 427 -19.15 -15.18 -25.91
CA MET B 427 -20.02 -14.12 -25.40
C MET B 427 -19.22 -12.99 -24.76
N ASN B 428 -17.96 -13.26 -24.42
CA ASN B 428 -17.09 -12.25 -23.83
C ASN B 428 -16.17 -11.58 -24.84
N PHE B 429 -16.18 -12.05 -26.08
CA PHE B 429 -15.30 -11.51 -27.11
C PHE B 429 -16.04 -11.21 -28.41
N THR B 430 -16.22 -9.93 -28.70
CA THR B 430 -16.86 -9.50 -29.94
C THR B 430 -15.80 -9.08 -30.96
N LYS B 431 -15.62 -9.88 -31.99
CA LYS B 431 -14.59 -9.62 -32.99
C LYS B 431 -14.90 -8.38 -33.83
N LEU B 432 -13.89 -7.54 -34.00
CA LEU B 432 -14.05 -6.28 -34.73
C LEU B 432 -13.35 -6.32 -36.08
ZN ZN C . -5.36 -8.05 23.90
O28 AXM D . -3.92 -8.81 25.33
C27 AXM D . -3.33 -7.97 25.99
N29 AXM D . -3.30 -6.69 25.65
O30 AXM D . -4.14 -6.23 24.63
C26 AXM D . -2.61 -8.36 27.25
C5 AXM D . -1.37 -9.22 26.94
C4 AXM D . -0.77 -8.81 25.60
C3 AXM D . 0.45 -9.67 25.30
C9 AXM D . -0.33 -9.02 28.03
C1 AXM D . 0.89 -9.88 27.75
C8 AXM D . 0.47 -11.35 27.69
C2 AXM D . 1.48 -9.49 26.40
C6 AXM D . -1.78 -10.68 26.91
C7 AXM D . -0.58 -11.56 26.60
C10 AXM D . 0.01 -11.13 25.26
ZN ZN E . 5.57 -2.44 -25.40
O28 AXM F . 4.43 -2.90 -27.16
C27 AXM F . 3.61 -2.04 -27.45
N29 AXM F . 3.46 -0.92 -26.73
O30 AXM F . 4.18 -0.76 -25.55
C26 AXM F . 2.71 -2.19 -28.65
C5 AXM F . 1.65 -3.27 -28.44
C4 AXM F . 2.29 -4.65 -28.54
C3 AXM F . 1.24 -5.73 -28.34
C9 AXM F . 1.01 -3.11 -27.06
C1 AXM F . -0.06 -4.19 -26.86
C8 AXM F . -1.12 -4.04 -27.96
C2 AXM F . 0.59 -5.56 -26.97
C6 AXM F . 0.59 -3.13 -29.52
C7 AXM F . -0.49 -4.20 -29.33
C10 AXM F . 0.17 -5.58 -29.42
#